data_5WOD
#
_entry.id   5WOD
#
_entity_poly.entity_id   1
_entity_poly.type   'polypeptide(L)'
_entity_poly.pdbx_seq_one_letter_code
;SPEERAQLLTAAEKADELGCPEERAQLLTAAEKADELG
;
_entity_poly.pdbx_strand_id   A
#
# COMPACT_ATOMS: atom_id res chain seq x y z
N SER A 1 -12.43 -2.52 -1.31
CA SER A 1 -12.11 -3.79 -0.68
C SER A 1 -11.35 -3.54 0.63
N PRO A 2 -12.07 -3.49 1.77
CA PRO A 2 -11.48 -3.20 3.09
C PRO A 2 -10.37 -4.17 3.49
N GLU A 3 -10.59 -5.46 3.26
CA GLU A 3 -9.62 -6.48 3.65
C GLU A 3 -8.30 -6.28 2.91
N GLU A 4 -8.39 -6.03 1.62
CA GLU A 4 -7.22 -5.81 0.81
C GLU A 4 -6.63 -4.45 1.07
N ARG A 5 -7.49 -3.47 1.37
CA ARG A 5 -7.04 -2.14 1.67
C ARG A 5 -6.19 -2.15 2.92
N ALA A 6 -6.63 -2.87 3.93
CA ALA A 6 -5.89 -2.95 5.18
C ALA A 6 -4.51 -3.57 4.95
N GLN A 7 -4.46 -4.61 4.13
CA GLN A 7 -3.20 -5.29 3.84
C GLN A 7 -2.27 -4.40 3.01
N LEU A 8 -2.83 -3.79 1.98
CA LEU A 8 -2.07 -2.95 1.07
C LEU A 8 -1.66 -1.62 1.70
N LEU A 9 -2.56 -1.02 2.47
CA LEU A 9 -2.30 0.25 3.08
C LEU A 9 -1.21 0.15 4.13
N THR A 10 -1.25 -0.91 4.94
CA THR A 10 -0.23 -1.11 5.95
C THR A 10 1.12 -1.42 5.29
N ALA A 11 1.06 -2.10 4.15
CA ALA A 11 2.25 -2.41 3.37
C ALA A 11 2.85 -1.12 2.83
N ALA A 12 1.99 -0.19 2.42
CA ALA A 12 2.42 1.11 1.93
C ALA A 12 3.13 1.88 3.03
N GLU A 13 2.58 1.83 4.22
CA GLU A 13 3.17 2.49 5.37
C GLU A 13 4.53 1.88 5.70
N LYS A 14 4.59 0.55 5.63
CA LYS A 14 5.82 -0.16 5.91
C LYS A 14 6.87 0.14 4.85
N ALA A 15 6.43 0.29 3.61
CA ALA A 15 7.34 0.63 2.51
C ALA A 15 8.01 1.98 2.76
N ASP A 16 7.24 2.90 3.30
CA ASP A 16 7.74 4.22 3.66
C ASP A 16 8.73 4.11 4.81
N GLU A 17 8.36 3.32 5.80
CA GLU A 17 9.17 3.11 6.98
C GLU A 17 10.45 2.34 6.66
N LEU A 18 10.37 1.42 5.71
CA LEU A 18 11.51 0.63 5.33
C LEU A 18 12.38 1.39 4.33
N GLY A 19 11.80 2.42 3.73
CA GLY A 19 12.54 3.27 2.80
C GLY A 19 12.83 2.61 1.48
N CYS A 20 11.95 1.73 1.02
CA CYS A 20 12.12 1.05 -0.25
C CYS A 20 11.43 1.84 -1.38
N PRO A 21 12.20 2.53 -2.23
CA PRO A 21 11.65 3.36 -3.31
C PRO A 21 10.88 2.56 -4.36
N GLU A 22 11.41 1.41 -4.74
CA GLU A 22 10.77 0.58 -5.76
C GLU A 22 9.47 -0.01 -5.23
N GLU A 23 9.53 -0.49 -4.00
CA GLU A 23 8.38 -1.13 -3.38
C GLU A 23 7.30 -0.12 -2.99
N ARG A 24 7.72 1.05 -2.51
CA ARG A 24 6.77 2.06 -2.05
C ARG A 24 5.86 2.53 -3.19
N ALA A 25 6.41 2.66 -4.39
CA ALA A 25 5.62 3.10 -5.52
C ALA A 25 4.47 2.14 -5.79
N GLN A 26 4.77 0.85 -5.73
CA GLN A 26 3.77 -0.18 -5.97
C GLN A 26 2.81 -0.30 -4.79
N LEU A 27 3.36 -0.23 -3.59
CA LEU A 27 2.57 -0.40 -2.38
C LEU A 27 1.66 0.79 -2.09
N LEU A 28 2.16 2.01 -2.29
CA LEU A 28 1.35 3.20 -2.03
C LEU A 28 0.17 3.28 -3.00
N THR A 29 0.43 2.98 -4.26
CA THR A 29 -0.62 3.00 -5.26
C THR A 29 -1.62 1.89 -4.98
N ALA A 30 -1.12 0.74 -4.53
CA ALA A 30 -1.95 -0.40 -4.19
C ALA A 30 -2.88 -0.06 -3.03
N ALA A 31 -2.35 0.67 -2.06
CA ALA A 31 -3.13 1.08 -0.89
C ALA A 31 -4.33 1.92 -1.30
N GLU A 32 -4.10 2.86 -2.19
CA GLU A 32 -5.16 3.71 -2.69
C GLU A 32 -6.07 2.98 -3.68
N LYS A 33 -5.48 2.07 -4.46
CA LYS A 33 -6.23 1.31 -5.44
C LYS A 33 -7.24 0.39 -4.76
N ALA A 34 -6.81 -0.26 -3.68
CA ALA A 34 -7.68 -1.15 -2.93
C ALA A 34 -8.87 -0.39 -2.36
N ASP A 35 -8.61 0.86 -1.98
CA ASP A 35 -9.66 1.72 -1.46
C ASP A 35 -10.64 2.06 -2.57
N GLU A 36 -10.12 2.31 -3.76
CA GLU A 36 -10.93 2.61 -4.92
C GLU A 36 -11.83 1.43 -5.27
N LEU A 37 -11.33 0.22 -5.02
CA LEU A 37 -12.09 -0.99 -5.29
C LEU A 37 -13.13 -1.23 -4.20
N GLY A 38 -12.97 -0.52 -3.09
CA GLY A 38 -13.85 -0.70 -1.98
C GLY A 38 -13.67 -2.04 -1.31
N SER A 1 -12.88 -3.08 -1.40
CA SER A 1 -12.54 -4.25 -0.60
C SER A 1 -11.69 -3.86 0.63
N PRO A 2 -12.31 -3.86 1.84
CA PRO A 2 -11.62 -3.48 3.08
C PRO A 2 -10.47 -4.42 3.46
N GLU A 3 -10.65 -5.72 3.22
CA GLU A 3 -9.62 -6.69 3.57
C GLU A 3 -8.36 -6.45 2.77
N GLU A 4 -8.53 -6.22 1.48
CA GLU A 4 -7.40 -5.93 0.62
C GLU A 4 -6.81 -4.56 0.95
N ARG A 5 -7.69 -3.60 1.20
CA ARG A 5 -7.26 -2.25 1.51
C ARG A 5 -6.44 -2.20 2.79
N ALA A 6 -6.90 -2.87 3.83
CA ALA A 6 -6.19 -2.85 5.10
C ALA A 6 -4.80 -3.45 4.97
N GLN A 7 -4.68 -4.55 4.27
CA GLN A 7 -3.40 -5.21 4.09
C GLN A 7 -2.47 -4.40 3.17
N LEU A 8 -3.01 -3.92 2.07
CA LEU A 8 -2.23 -3.15 1.11
C LEU A 8 -1.86 -1.76 1.64
N LEU A 9 -2.75 -1.14 2.40
CA LEU A 9 -2.51 0.16 2.96
C LEU A 9 -1.42 0.10 4.03
N THR A 10 -1.49 -0.90 4.90
CA THR A 10 -0.49 -1.08 5.93
C THR A 10 0.86 -1.39 5.29
N ALA A 11 0.83 -2.04 4.14
CA ALA A 11 2.02 -2.39 3.39
C ALA A 11 2.78 -1.13 3.00
N ALA A 12 2.05 -0.06 2.68
CA ALA A 12 2.64 1.22 2.33
C ALA A 12 3.47 1.75 3.50
N GLU A 13 2.90 1.67 4.71
CA GLU A 13 3.59 2.08 5.92
C GLU A 13 4.71 1.11 6.26
N LYS A 14 4.48 -0.17 6.04
CA LYS A 14 5.45 -1.21 6.34
C LYS A 14 6.68 -1.06 5.48
N ALA A 15 6.49 -0.77 4.20
CA ALA A 15 7.61 -0.56 3.30
C ALA A 15 8.42 0.64 3.76
N ASP A 16 7.74 1.63 4.29
CA ASP A 16 8.38 2.80 4.86
C ASP A 16 9.21 2.41 6.06
N GLU A 17 8.62 1.57 6.91
CA GLU A 17 9.29 1.05 8.10
C GLU A 17 10.52 0.23 7.73
N LEU A 18 10.42 -0.45 6.60
CA LEU A 18 11.51 -1.28 6.11
C LEU A 18 12.55 -0.44 5.36
N GLY A 19 12.18 0.79 5.04
CA GLY A 19 13.07 1.67 4.31
C GLY A 19 13.16 1.29 2.86
N CYS A 20 12.04 0.87 2.30
CA CYS A 20 11.98 0.46 0.91
C CYS A 20 11.10 1.45 0.11
N PRO A 21 11.73 2.48 -0.48
CA PRO A 21 11.01 3.52 -1.22
C PRO A 21 10.31 2.99 -2.48
N GLU A 22 11.01 2.12 -3.21
CA GLU A 22 10.49 1.58 -4.47
C GLU A 22 9.27 0.69 -4.21
N GLU A 23 9.35 -0.15 -3.19
CA GLU A 23 8.23 -1.02 -2.84
C GLU A 23 7.07 -0.21 -2.29
N ARG A 24 7.40 0.83 -1.52
CA ARG A 24 6.39 1.67 -0.90
C ARG A 24 5.52 2.33 -1.96
N ALA A 25 6.15 2.82 -3.01
CA ALA A 25 5.44 3.49 -4.10
C ALA A 25 4.41 2.55 -4.72
N GLN A 26 4.81 1.31 -4.94
CA GLN A 26 3.94 0.30 -5.53
C GLN A 26 2.84 -0.12 -4.56
N LEU A 27 3.21 -0.26 -3.30
CA LEU A 27 2.27 -0.63 -2.26
C LEU A 27 1.25 0.47 -2.02
N LEU A 28 1.68 1.71 -2.18
CA LEU A 28 0.79 2.86 -2.06
C LEU A 28 -0.26 2.83 -3.15
N THR A 29 0.15 2.41 -4.33
CA THR A 29 -0.75 2.26 -5.45
C THR A 29 -1.74 1.13 -5.17
N ALA A 30 -1.25 0.07 -4.55
CA ALA A 30 -2.08 -1.07 -4.17
C ALA A 30 -3.11 -0.66 -3.13
N ALA A 31 -2.70 0.20 -2.21
CA ALA A 31 -3.57 0.72 -1.16
C ALA A 31 -4.75 1.46 -1.78
N GLU A 32 -4.45 2.26 -2.79
CA GLU A 32 -5.47 3.04 -3.49
C GLU A 32 -6.36 2.14 -4.35
N LYS A 33 -5.74 1.16 -5.00
CA LYS A 33 -6.47 0.23 -5.85
C LYS A 33 -7.53 -0.53 -5.05
N ALA A 34 -7.12 -1.07 -3.92
CA ALA A 34 -8.02 -1.83 -3.06
C ALA A 34 -9.16 -0.96 -2.55
N ASP A 35 -8.86 0.31 -2.29
CA ASP A 35 -9.86 1.25 -1.82
C ASP A 35 -10.88 1.53 -2.91
N GLU A 36 -10.40 1.64 -4.14
CA GLU A 36 -11.25 1.86 -5.29
C GLU A 36 -12.13 0.63 -5.53
N LEU A 37 -11.59 -0.53 -5.19
CA LEU A 37 -12.32 -1.78 -5.32
C LEU A 37 -13.35 -1.94 -4.21
N GLY A 38 -13.21 -1.11 -3.18
CA GLY A 38 -14.14 -1.13 -2.06
C GLY A 38 -13.91 -2.30 -1.12
N SER A 1 -12.74 -2.30 -1.37
CA SER A 1 -12.62 -3.57 -0.67
C SER A 1 -11.86 -3.37 0.64
N PRO A 2 -12.57 -3.32 1.79
CA PRO A 2 -11.98 -3.06 3.12
C PRO A 2 -10.93 -4.09 3.54
N GLU A 3 -11.21 -5.37 3.34
CA GLU A 3 -10.30 -6.43 3.78
C GLU A 3 -8.98 -6.33 3.00
N GLU A 4 -9.10 -6.16 1.70
CA GLU A 4 -7.93 -6.05 0.84
C GLU A 4 -7.21 -4.74 1.11
N ARG A 5 -7.98 -3.68 1.35
CA ARG A 5 -7.43 -2.38 1.64
C ARG A 5 -6.61 -2.42 2.90
N ALA A 6 -7.15 -3.04 3.94
CA ALA A 6 -6.46 -3.12 5.21
C ALA A 6 -5.14 -3.87 5.07
N GLN A 7 -5.15 -4.96 4.32
CA GLN A 7 -3.95 -5.75 4.11
C GLN A 7 -2.91 -4.99 3.28
N LEU A 8 -3.36 -4.41 2.19
CA LEU A 8 -2.48 -3.70 1.28
C LEU A 8 -1.98 -2.38 1.86
N LEU A 9 -2.85 -1.68 2.58
CA LEU A 9 -2.50 -0.40 3.14
C LEU A 9 -1.49 -0.55 4.26
N THR A 10 -1.68 -1.53 5.13
CA THR A 10 -0.75 -1.76 6.21
C THR A 10 0.60 -2.22 5.66
N ALA A 11 0.56 -2.95 4.56
CA ALA A 11 1.75 -3.39 3.87
C ALA A 11 2.52 -2.18 3.35
N ALA A 12 1.77 -1.23 2.79
CA ALA A 12 2.33 0.01 2.26
C ALA A 12 3.02 0.80 3.36
N GLU A 13 2.42 0.82 4.54
CA GLU A 13 2.99 1.49 5.69
C GLU A 13 4.29 0.81 6.11
N LYS A 14 4.28 -0.50 6.06
CA LYS A 14 5.43 -1.30 6.46
C LYS A 14 6.61 -1.06 5.52
N ALA A 15 6.32 -0.87 4.23
CA ALA A 15 7.35 -0.57 3.25
C ALA A 15 8.00 0.77 3.56
N ASP A 16 7.20 1.69 4.06
CA ASP A 16 7.70 3.00 4.46
C ASP A 16 8.62 2.83 5.66
N GLU A 17 8.21 1.95 6.57
CA GLU A 17 8.97 1.61 7.76
C GLU A 17 10.30 0.95 7.39
N LEU A 18 10.32 0.26 6.26
CA LEU A 18 11.51 -0.43 5.79
C LEU A 18 12.47 0.52 5.09
N GLY A 19 11.95 1.68 4.71
CA GLY A 19 12.77 2.69 4.07
C GLY A 19 13.06 2.38 2.61
N CYS A 20 12.10 1.78 1.93
CA CYS A 20 12.26 1.47 0.52
C CYS A 20 11.22 2.22 -0.31
N PRO A 21 11.57 3.43 -0.79
CA PRO A 21 10.64 4.32 -1.52
C PRO A 21 9.99 3.69 -2.76
N GLU A 22 10.76 2.99 -3.58
CA GLU A 22 10.21 2.41 -4.81
C GLU A 22 9.25 1.28 -4.50
N GLU A 23 9.65 0.41 -3.60
CA GLU A 23 8.81 -0.70 -3.20
C GLU A 23 7.59 -0.16 -2.47
N ARG A 24 7.80 0.91 -1.72
CA ARG A 24 6.74 1.57 -1.00
C ARG A 24 5.71 2.12 -1.97
N ALA A 25 6.18 2.75 -3.05
CA ALA A 25 5.30 3.34 -4.06
C ALA A 25 4.43 2.27 -4.72
N GLN A 26 5.03 1.14 -5.05
CA GLN A 26 4.30 0.06 -5.72
C GLN A 26 3.27 -0.54 -4.76
N LEU A 27 3.69 -0.71 -3.52
CA LEU A 27 2.86 -1.29 -2.50
C LEU A 27 1.76 -0.30 -2.06
N LEU A 28 2.08 0.99 -2.08
CA LEU A 28 1.10 2.04 -1.79
C LEU A 28 0.06 2.08 -2.88
N THR A 29 0.47 1.81 -4.10
CA THR A 29 -0.44 1.75 -5.22
C THR A 29 -1.44 0.62 -5.01
N ALA A 30 -0.97 -0.47 -4.43
CA ALA A 30 -1.83 -1.60 -4.09
C ALA A 30 -2.84 -1.18 -3.02
N ALA A 31 -2.36 -0.39 -2.05
CA ALA A 31 -3.21 0.15 -0.99
C ALA A 31 -4.30 1.02 -1.60
N GLU A 32 -3.91 1.85 -2.56
CA GLU A 32 -4.85 2.74 -3.24
C GLU A 32 -5.77 1.96 -4.17
N LYS A 33 -5.26 0.89 -4.75
CA LYS A 33 -6.04 0.05 -5.65
C LYS A 33 -7.21 -0.58 -4.92
N ALA A 34 -6.94 -1.15 -3.76
CA ALA A 34 -7.99 -1.75 -2.95
C ALA A 34 -8.94 -0.67 -2.44
N ASP A 35 -8.39 0.49 -2.13
CA ASP A 35 -9.16 1.64 -1.67
C ASP A 35 -10.14 2.07 -2.76
N GLU A 36 -9.63 2.15 -3.98
CA GLU A 36 -10.41 2.52 -5.14
C GLU A 36 -11.46 1.45 -5.43
N LEU A 37 -11.12 0.20 -5.13
CA LEU A 37 -12.00 -0.92 -5.33
C LEU A 37 -13.07 -1.01 -4.25
N GLY A 38 -12.88 -0.26 -3.18
CA GLY A 38 -13.84 -0.27 -2.09
C GLY A 38 -13.86 -1.59 -1.36
N SER A 1 -13.31 -1.97 -0.49
CA SER A 1 -13.27 -3.19 0.28
C SER A 1 -12.45 -3.01 1.55
N PRO A 2 -13.09 -3.17 2.73
CA PRO A 2 -12.40 -3.05 4.01
C PRO A 2 -11.33 -4.11 4.17
N GLU A 3 -11.61 -5.30 3.65
CA GLU A 3 -10.67 -6.42 3.74
C GLU A 3 -9.40 -6.11 3.00
N GLU A 4 -9.54 -5.57 1.80
CA GLU A 4 -8.39 -5.22 0.98
C GLU A 4 -7.69 -4.00 1.55
N ARG A 5 -8.49 -3.01 1.97
CA ARG A 5 -7.96 -1.78 2.47
C ARG A 5 -7.13 -1.99 3.73
N ALA A 6 -7.63 -2.78 4.64
CA ALA A 6 -6.93 -3.01 5.90
C ALA A 6 -5.57 -3.64 5.68
N GLN A 7 -5.50 -4.65 4.83
CA GLN A 7 -4.25 -5.32 4.55
C GLN A 7 -3.31 -4.46 3.70
N LEU A 8 -3.86 -3.86 2.66
CA LEU A 8 -3.07 -3.07 1.74
C LEU A 8 -2.60 -1.74 2.33
N LEU A 9 -3.45 -1.11 3.14
CA LEU A 9 -3.11 0.14 3.74
C LEU A 9 -2.01 -0.02 4.78
N THR A 10 -2.09 -1.09 5.57
CA THR A 10 -1.07 -1.35 6.58
C THR A 10 0.26 -1.68 5.90
N ALA A 11 0.17 -2.32 4.74
CA ALA A 11 1.34 -2.64 3.94
C ALA A 11 2.01 -1.35 3.47
N ALA A 12 1.19 -0.36 3.14
CA ALA A 12 1.68 0.95 2.73
C ALA A 12 2.49 1.59 3.86
N GLU A 13 1.99 1.42 5.08
CA GLU A 13 2.68 1.94 6.25
C GLU A 13 3.95 1.16 6.52
N LYS A 14 3.87 -0.15 6.37
CA LYS A 14 5.00 -1.04 6.62
C LYS A 14 6.13 -0.76 5.64
N ALA A 15 5.77 -0.44 4.41
CA ALA A 15 6.77 -0.13 3.40
C ALA A 15 7.59 1.08 3.80
N ASP A 16 6.93 2.07 4.38
CA ASP A 16 7.61 3.26 4.86
C ASP A 16 8.48 2.90 6.04
N GLU A 17 7.97 2.04 6.90
CA GLU A 17 8.69 1.55 8.07
C GLU A 17 9.93 0.75 7.64
N LEU A 18 9.89 0.23 6.41
CA LEU A 18 10.99 -0.52 5.85
C LEU A 18 12.03 0.41 5.25
N GLY A 19 11.63 1.66 5.03
CA GLY A 19 12.54 2.65 4.48
C GLY A 19 12.82 2.43 3.00
N CYS A 20 11.94 1.70 2.34
CA CYS A 20 12.12 1.42 0.93
C CYS A 20 11.08 2.18 0.10
N PRO A 21 11.50 3.27 -0.56
CA PRO A 21 10.61 4.10 -1.36
C PRO A 21 9.99 3.35 -2.55
N GLU A 22 10.79 2.51 -3.20
CA GLU A 22 10.32 1.75 -4.37
C GLU A 22 9.15 0.84 -3.98
N GLU A 23 9.29 0.14 -2.87
CA GLU A 23 8.24 -0.74 -2.40
C GLU A 23 7.11 0.06 -1.81
N ARG A 24 7.44 1.19 -1.19
CA ARG A 24 6.45 2.06 -0.59
C ARG A 24 5.48 2.56 -1.65
N ALA A 25 6.01 2.97 -2.78
CA ALA A 25 5.18 3.45 -3.87
C ALA A 25 4.22 2.37 -4.34
N GLN A 26 4.72 1.15 -4.43
CA GLN A 26 3.93 0.02 -4.90
C GLN A 26 2.83 -0.33 -3.89
N LEU A 27 3.19 -0.33 -2.62
CA LEU A 27 2.24 -0.69 -1.58
C LEU A 27 1.22 0.43 -1.35
N LEU A 28 1.65 1.68 -1.53
CA LEU A 28 0.74 2.79 -1.46
C LEU A 28 -0.26 2.74 -2.60
N THR A 29 0.18 2.19 -3.74
CA THR A 29 -0.70 2.01 -4.88
C THR A 29 -1.80 1.02 -4.53
N ALA A 30 -1.40 -0.07 -3.87
CA ALA A 30 -2.33 -1.10 -3.43
C ALA A 30 -3.31 -0.54 -2.41
N ALA A 31 -2.79 0.29 -1.50
CA ALA A 31 -3.63 0.95 -0.49
C ALA A 31 -4.70 1.81 -1.16
N GLU A 32 -4.30 2.50 -2.22
CA GLU A 32 -5.20 3.35 -2.97
C GLU A 32 -6.20 2.51 -3.77
N LYS A 33 -5.71 1.41 -4.35
CA LYS A 33 -6.55 0.49 -5.12
C LYS A 33 -7.63 -0.10 -4.22
N ALA A 34 -7.23 -0.45 -3.01
CA ALA A 34 -8.13 -1.01 -2.03
C ALA A 34 -9.26 -0.06 -1.71
N ASP A 35 -8.92 1.22 -1.63
CA ASP A 35 -9.91 2.25 -1.34
C ASP A 35 -10.89 2.38 -2.49
N GLU A 36 -10.36 2.35 -3.70
CA GLU A 36 -11.19 2.44 -4.91
C GLU A 36 -12.15 1.27 -5.00
N LEU A 37 -11.71 0.12 -4.50
CA LEU A 37 -12.54 -1.07 -4.49
C LEU A 37 -13.58 -1.00 -3.39
N GLY A 38 -13.38 -0.09 -2.46
CA GLY A 38 -14.29 0.08 -1.34
C GLY A 38 -14.37 -1.18 -0.47
N SER A 1 -13.43 -2.01 -0.35
CA SER A 1 -13.34 -3.19 0.50
C SER A 1 -12.41 -2.95 1.68
N PRO A 2 -12.97 -2.98 2.91
CA PRO A 2 -12.17 -2.82 4.14
C PRO A 2 -11.14 -3.93 4.28
N GLU A 3 -11.52 -5.13 3.83
CA GLU A 3 -10.63 -6.29 3.89
C GLU A 3 -9.40 -6.06 3.06
N GLU A 4 -9.57 -5.55 1.86
CA GLU A 4 -8.45 -5.26 0.99
C GLU A 4 -7.70 -4.04 1.49
N ARG A 5 -8.46 -3.08 1.98
CA ARG A 5 -7.90 -1.83 2.46
C ARG A 5 -6.96 -2.06 3.62
N ALA A 6 -7.40 -2.84 4.59
CA ALA A 6 -6.59 -3.08 5.77
C ALA A 6 -5.26 -3.74 5.43
N GLN A 7 -5.30 -4.74 4.57
CA GLN A 7 -4.09 -5.47 4.21
C GLN A 7 -3.17 -4.63 3.33
N LEU A 8 -3.73 -3.97 2.35
CA LEU A 8 -2.96 -3.17 1.41
C LEU A 8 -2.41 -1.89 2.03
N LEU A 9 -3.23 -1.22 2.85
CA LEU A 9 -2.85 0.04 3.45
C LEU A 9 -1.76 -0.14 4.51
N THR A 10 -1.84 -1.19 5.31
CA THR A 10 -0.84 -1.45 6.34
C THR A 10 0.53 -1.73 5.71
N ALA A 11 0.50 -2.34 4.53
CA ALA A 11 1.71 -2.64 3.80
C ALA A 11 2.46 -1.36 3.44
N ALA A 12 1.70 -0.32 3.10
CA ALA A 12 2.26 0.99 2.76
C ALA A 12 3.01 1.57 3.96
N GLU A 13 2.40 1.44 5.15
CA GLU A 13 3.00 1.95 6.38
C GLU A 13 4.24 1.14 6.76
N LYS A 14 4.16 -0.18 6.60
CA LYS A 14 5.26 -1.05 6.96
C LYS A 14 6.46 -0.78 6.06
N ALA A 15 6.20 -0.59 4.76
CA ALA A 15 7.25 -0.31 3.81
C ALA A 15 7.96 1.00 4.16
N ASP A 16 7.19 1.95 4.67
CA ASP A 16 7.74 3.23 5.08
C ASP A 16 8.64 3.04 6.28
N GLU A 17 8.19 2.22 7.22
CA GLU A 17 8.96 1.88 8.40
C GLU A 17 10.25 1.18 8.02
N LEU A 18 10.20 0.41 6.94
CA LEU A 18 11.36 -0.32 6.44
C LEU A 18 12.25 0.57 5.61
N GLY A 19 11.77 1.77 5.31
CA GLY A 19 12.52 2.69 4.51
C GLY A 19 12.64 2.24 3.07
N CYS A 20 11.57 1.64 2.57
CA CYS A 20 11.53 1.15 1.20
C CYS A 20 10.66 2.05 0.34
N PRO A 21 11.24 3.05 -0.34
CA PRO A 21 10.49 3.98 -1.20
C PRO A 21 9.87 3.29 -2.40
N GLU A 22 10.63 2.40 -3.03
CA GLU A 22 10.18 1.70 -4.23
C GLU A 22 9.04 0.74 -3.90
N GLU A 23 9.18 0.01 -2.81
CA GLU A 23 8.15 -0.94 -2.40
C GLU A 23 6.94 -0.21 -1.86
N ARG A 24 7.19 0.89 -1.15
CA ARG A 24 6.11 1.68 -0.57
C ARG A 24 5.26 2.28 -1.68
N ALA A 25 5.91 2.68 -2.77
CA ALA A 25 5.20 3.26 -3.91
C ALA A 25 4.15 2.30 -4.46
N GLN A 26 4.52 1.04 -4.58
CA GLN A 26 3.62 0.02 -5.09
C GLN A 26 2.53 -0.30 -4.07
N LEU A 27 2.92 -0.38 -2.81
CA LEU A 27 2.01 -0.69 -1.73
C LEU A 27 1.01 0.45 -1.49
N LEU A 28 1.46 1.68 -1.68
CA LEU A 28 0.60 2.85 -1.54
C LEU A 28 -0.44 2.87 -2.65
N THR A 29 -0.05 2.41 -3.84
CA THR A 29 -0.96 2.31 -4.95
C THR A 29 -2.02 1.25 -4.64
N ALA A 30 -1.60 0.20 -3.94
CA ALA A 30 -2.51 -0.84 -3.52
C ALA A 30 -3.51 -0.29 -2.52
N ALA A 31 -3.03 0.56 -1.61
CA ALA A 31 -3.87 1.21 -0.63
C ALA A 31 -4.92 2.08 -1.33
N GLU A 32 -4.51 2.71 -2.43
CA GLU A 32 -5.40 3.56 -3.21
C GLU A 32 -6.42 2.71 -3.96
N LYS A 33 -5.95 1.59 -4.49
CA LYS A 33 -6.80 0.67 -5.23
C LYS A 33 -7.84 0.05 -4.30
N ALA A 34 -7.43 -0.20 -3.07
CA ALA A 34 -8.31 -0.75 -2.06
C ALA A 34 -9.47 0.19 -1.78
N ASP A 35 -9.19 1.49 -1.80
CA ASP A 35 -10.22 2.50 -1.59
C ASP A 35 -11.20 2.47 -2.74
N GLU A 36 -10.67 2.30 -3.94
CA GLU A 36 -11.48 2.24 -5.14
C GLU A 36 -12.31 0.95 -5.18
N LEU A 37 -11.84 -0.09 -4.50
CA LEU A 37 -12.55 -1.34 -4.44
C LEU A 37 -13.65 -1.29 -3.38
N GLY A 38 -13.56 -0.29 -2.52
CA GLY A 38 -14.53 -0.15 -1.44
C GLY A 38 -14.57 -1.37 -0.53
N SER A 1 -13.11 -2.50 -0.84
CA SER A 1 -12.85 -3.66 0.00
C SER A 1 -12.12 -3.22 1.28
N PRO A 2 -12.85 -3.16 2.42
CA PRO A 2 -12.29 -2.70 3.70
C PRO A 2 -11.13 -3.55 4.19
N GLU A 3 -11.29 -4.86 4.10
CA GLU A 3 -10.27 -5.79 4.58
C GLU A 3 -8.99 -5.70 3.76
N GLU A 4 -9.13 -5.66 2.44
CA GLU A 4 -7.97 -5.58 1.58
C GLU A 4 -7.34 -4.20 1.66
N ARG A 5 -8.17 -3.18 1.85
CA ARG A 5 -7.71 -1.82 1.98
C ARG A 5 -6.82 -1.70 3.21
N ALA A 6 -7.28 -2.26 4.32
CA ALA A 6 -6.55 -2.21 5.57
C ALA A 6 -5.20 -2.91 5.45
N GLN A 7 -5.18 -4.06 4.81
CA GLN A 7 -3.96 -4.84 4.65
C GLN A 7 -2.96 -4.13 3.75
N LEU A 8 -3.45 -3.59 2.65
CA LEU A 8 -2.60 -2.87 1.71
C LEU A 8 -2.14 -1.53 2.29
N LEU A 9 -3.02 -0.88 3.04
CA LEU A 9 -2.71 0.38 3.65
C LEU A 9 -1.63 0.21 4.72
N THR A 10 -1.77 -0.83 5.54
CA THR A 10 -0.78 -1.10 6.57
C THR A 10 0.54 -1.54 5.94
N ALA A 11 0.44 -2.21 4.80
CA ALA A 11 1.63 -2.61 4.05
C ALA A 11 2.40 -1.38 3.59
N ALA A 12 1.67 -0.33 3.22
CA ALA A 12 2.26 0.94 2.83
C ALA A 12 3.04 1.53 4.00
N GLU A 13 2.49 1.37 5.21
CA GLU A 13 3.13 1.83 6.42
C GLU A 13 4.36 0.98 6.72
N LYS A 14 4.22 -0.33 6.53
CA LYS A 14 5.31 -1.27 6.79
C LYS A 14 6.48 -1.01 5.85
N ALA A 15 6.20 -0.77 4.58
CA ALA A 15 7.23 -0.49 3.62
C ALA A 15 7.98 0.77 4.00
N ASP A 16 7.25 1.73 4.56
CA ASP A 16 7.85 2.97 5.03
C ASP A 16 8.74 2.69 6.23
N GLU A 17 8.26 1.83 7.11
CA GLU A 17 9.01 1.41 8.31
C GLU A 17 10.31 0.69 7.92
N LEU A 18 10.26 -0.03 6.80
CA LEU A 18 11.43 -0.74 6.30
C LEU A 18 12.28 0.14 5.39
N GLY A 19 11.83 1.38 5.21
CA GLY A 19 12.56 2.33 4.37
C GLY A 19 12.64 1.88 2.93
N CYS A 20 11.58 1.27 2.43
CA CYS A 20 11.52 0.78 1.07
C CYS A 20 10.65 1.71 0.21
N PRO A 21 11.25 2.68 -0.50
CA PRO A 21 10.51 3.66 -1.30
C PRO A 21 9.73 3.04 -2.47
N GLU A 22 10.35 2.10 -3.17
CA GLU A 22 9.72 1.47 -4.33
C GLU A 22 8.52 0.64 -3.90
N GLU A 23 8.68 -0.12 -2.84
CA GLU A 23 7.61 -0.94 -2.33
C GLU A 23 6.55 -0.09 -1.67
N ARG A 24 6.98 0.98 -1.01
CA ARG A 24 6.07 1.91 -0.35
C ARG A 24 5.14 2.56 -1.36
N ALA A 25 5.71 2.99 -2.48
CA ALA A 25 4.94 3.64 -3.52
C ALA A 25 3.89 2.70 -4.11
N GLN A 26 4.29 1.47 -4.36
CA GLN A 26 3.40 0.48 -4.93
C GLN A 26 2.31 0.13 -3.91
N LEU A 27 2.70 -0.04 -2.66
CA LEU A 27 1.75 -0.39 -1.61
C LEU A 27 0.80 0.75 -1.30
N LEU A 28 1.32 1.98 -1.33
CA LEU A 28 0.49 3.16 -1.13
C LEU A 28 -0.54 3.28 -2.25
N THR A 29 -0.12 2.92 -3.45
CA THR A 29 -1.01 2.93 -4.59
C THR A 29 -2.03 1.80 -4.45
N ALA A 30 -1.57 0.67 -3.93
CA ALA A 30 -2.43 -0.49 -3.69
C ALA A 30 -3.50 -0.15 -2.66
N ALA A 31 -3.12 0.67 -1.67
CA ALA A 31 -4.04 1.13 -0.64
C ALA A 31 -5.19 1.90 -1.27
N GLU A 32 -4.87 2.76 -2.23
CA GLU A 32 -5.86 3.55 -2.94
C GLU A 32 -6.69 2.68 -3.89
N LYS A 33 -6.01 1.75 -4.55
CA LYS A 33 -6.66 0.83 -5.50
C LYS A 33 -7.69 -0.05 -4.80
N ALA A 34 -7.34 -0.53 -3.61
CA ALA A 34 -8.26 -1.33 -2.82
C ALA A 34 -9.43 -0.49 -2.36
N ASP A 35 -9.15 0.77 -2.08
CA ASP A 35 -10.17 1.72 -1.67
C ASP A 35 -11.20 1.91 -2.77
N GLU A 36 -10.72 1.97 -4.02
CA GLU A 36 -11.59 2.12 -5.18
C GLU A 36 -12.51 0.93 -5.30
N LEU A 37 -12.01 -0.23 -4.92
CA LEU A 37 -12.78 -1.46 -4.98
C LEU A 37 -13.76 -1.55 -3.82
N GLY A 38 -13.56 -0.69 -2.83
CA GLY A 38 -14.42 -0.65 -1.68
C GLY A 38 -14.27 -1.86 -0.78
N SER A 1 -12.09 -1.44 -0.54
CA SER A 1 -11.81 -2.44 0.47
C SER A 1 -10.89 -1.89 1.55
N PRO A 2 -11.45 -1.56 2.74
CA PRO A 2 -10.70 -0.96 3.85
C PRO A 2 -9.61 -1.88 4.42
N GLU A 3 -9.94 -3.14 4.62
CA GLU A 3 -9.00 -4.09 5.20
C GLU A 3 -7.90 -4.42 4.23
N GLU A 4 -8.26 -4.58 2.97
CA GLU A 4 -7.27 -4.86 1.94
C GLU A 4 -6.35 -3.67 1.79
N ARG A 5 -6.94 -2.48 1.83
CA ARG A 5 -6.18 -1.26 1.75
C ARG A 5 -5.24 -1.13 2.93
N ALA A 6 -5.71 -1.52 4.11
CA ALA A 6 -4.91 -1.42 5.31
C ALA A 6 -3.64 -2.25 5.22
N GLN A 7 -3.75 -3.45 4.69
CA GLN A 7 -2.59 -4.32 4.57
C GLN A 7 -1.61 -3.80 3.52
N LEU A 8 -2.15 -3.39 2.39
CA LEU A 8 -1.33 -2.87 1.31
C LEU A 8 -0.75 -1.49 1.63
N LEU A 9 -1.53 -0.66 2.31
CA LEU A 9 -1.13 0.67 2.67
C LEU A 9 0.01 0.64 3.68
N THR A 10 -0.10 -0.22 4.69
CA THR A 10 0.94 -0.34 5.70
C THR A 10 2.22 -0.84 5.06
N ALA A 11 2.09 -1.75 4.11
CA ALA A 11 3.21 -2.29 3.38
C ALA A 11 3.91 -1.17 2.60
N ALA A 12 3.09 -0.28 2.03
CA ALA A 12 3.60 0.88 1.31
C ALA A 12 4.40 1.78 2.24
N GLU A 13 3.85 2.00 3.43
CA GLU A 13 4.51 2.80 4.45
C GLU A 13 5.80 2.13 4.90
N LYS A 14 5.75 0.81 5.05
CA LYS A 14 6.90 0.03 5.51
C LYS A 14 8.03 0.05 4.49
N ALA A 15 7.69 -0.16 3.22
CA ALA A 15 8.69 -0.14 2.17
C ALA A 15 9.32 1.24 2.06
N ASP A 16 8.50 2.25 2.30
CA ASP A 16 8.97 3.63 2.31
C ASP A 16 9.93 3.85 3.45
N GLU A 17 9.63 3.21 4.57
CA GLU A 17 10.45 3.30 5.75
C GLU A 17 11.76 2.51 5.56
N LEU A 18 11.71 1.48 4.72
CA LEU A 18 12.88 0.65 4.45
C LEU A 18 13.77 1.32 3.41
N GLY A 19 13.21 2.29 2.71
CA GLY A 19 13.96 3.01 1.70
C GLY A 19 14.10 2.22 0.41
N CYS A 20 13.15 1.32 0.16
CA CYS A 20 13.17 0.50 -1.03
C CYS A 20 12.17 1.02 -2.05
N PRO A 21 12.65 1.70 -3.11
CA PRO A 21 11.78 2.31 -4.13
C PRO A 21 10.95 1.28 -4.90
N GLU A 22 11.55 0.14 -5.26
CA GLU A 22 10.86 -0.88 -6.05
C GLU A 22 9.66 -1.44 -5.29
N GLU A 23 9.84 -1.74 -4.02
CA GLU A 23 8.78 -2.26 -3.21
C GLU A 23 7.79 -1.16 -2.85
N ARG A 24 8.32 0.02 -2.57
CA ARG A 24 7.50 1.17 -2.19
C ARG A 24 6.50 1.52 -3.29
N ALA A 25 6.97 1.54 -4.52
CA ALA A 25 6.12 1.90 -5.65
C ALA A 25 5.04 0.83 -5.89
N GLN A 26 5.45 -0.42 -5.80
CA GLN A 26 4.55 -1.53 -6.02
C GLN A 26 3.47 -1.59 -4.94
N LEU A 27 3.89 -1.36 -3.71
CA LEU A 27 2.99 -1.39 -2.58
C LEU A 27 2.07 -0.17 -2.52
N LEU A 28 2.61 1.00 -2.88
CA LEU A 28 1.82 2.24 -2.89
C LEU A 28 0.70 2.16 -3.91
N THR A 29 1.00 1.61 -5.07
CA THR A 29 -0.01 1.45 -6.10
C THR A 29 -1.04 0.41 -5.68
N ALA A 30 -0.58 -0.60 -4.93
CA ALA A 30 -1.45 -1.63 -4.39
C ALA A 30 -2.39 -1.03 -3.37
N ALA A 31 -1.85 -0.15 -2.54
CA ALA A 31 -2.63 0.56 -1.52
C ALA A 31 -3.73 1.37 -2.16
N GLU A 32 -3.40 2.03 -3.26
CA GLU A 32 -4.35 2.85 -4.00
C GLU A 32 -5.37 1.97 -4.73
N LYS A 33 -4.91 0.79 -5.18
CA LYS A 33 -5.79 -0.14 -5.89
C LYS A 33 -6.89 -0.65 -4.97
N ALA A 34 -6.50 -1.10 -3.78
CA ALA A 34 -7.46 -1.58 -2.80
C ALA A 34 -8.41 -0.46 -2.40
N ASP A 35 -7.89 0.75 -2.36
CA ASP A 35 -8.69 1.92 -2.05
C ASP A 35 -9.76 2.13 -3.12
N GLU A 36 -9.38 1.93 -4.37
CA GLU A 36 -10.28 2.04 -5.51
C GLU A 36 -11.35 0.97 -5.43
N LEU A 37 -10.99 -0.19 -4.89
CA LEU A 37 -11.92 -1.30 -4.74
C LEU A 37 -12.87 -1.04 -3.59
N GLY A 38 -12.54 -0.06 -2.78
CA GLY A 38 -13.36 0.28 -1.64
C GLY A 38 -13.20 -0.73 -0.53
N SER A 1 -12.05 -1.71 -0.57
CA SER A 1 -11.68 -2.79 0.34
C SER A 1 -10.77 -2.27 1.46
N PRO A 2 -11.35 -1.93 2.63
CA PRO A 2 -10.59 -1.36 3.76
C PRO A 2 -9.55 -2.33 4.33
N GLU A 3 -9.94 -3.58 4.50
CA GLU A 3 -9.04 -4.60 5.05
C GLU A 3 -7.79 -4.74 4.20
N GLU A 4 -7.99 -4.79 2.88
CA GLU A 4 -6.87 -4.93 1.97
C GLU A 4 -6.09 -3.63 1.90
N ARG A 5 -6.80 -2.51 1.90
CA ARG A 5 -6.18 -1.20 1.83
C ARG A 5 -5.28 -0.98 3.02
N ALA A 6 -5.74 -1.34 4.20
CA ALA A 6 -4.96 -1.15 5.42
C ALA A 6 -3.66 -1.92 5.36
N GLN A 7 -3.72 -3.16 4.88
CA GLN A 7 -2.55 -4.00 4.78
C GLN A 7 -1.60 -3.51 3.68
N LEU A 8 -2.17 -3.18 2.53
CA LEU A 8 -1.39 -2.73 1.39
C LEU A 8 -0.78 -1.35 1.61
N LEU A 9 -1.55 -0.46 2.23
CA LEU A 9 -1.11 0.88 2.48
C LEU A 9 0.02 0.91 3.50
N THR A 10 -0.09 0.09 4.54
CA THR A 10 0.97 0.03 5.54
C THR A 10 2.24 -0.56 4.95
N ALA A 11 2.06 -1.50 4.02
CA ALA A 11 3.18 -2.10 3.33
C ALA A 11 3.93 -1.04 2.52
N ALA A 12 3.17 -0.14 1.91
CA ALA A 12 3.72 0.96 1.14
C ALA A 12 4.57 1.84 2.04
N GLU A 13 4.08 2.08 3.25
CA GLU A 13 4.79 2.89 4.22
C GLU A 13 6.04 2.16 4.74
N LYS A 14 5.92 0.87 5.00
CA LYS A 14 7.05 0.06 5.49
C LYS A 14 8.17 0.01 4.48
N ALA A 15 7.83 -0.20 3.22
CA ALA A 15 8.82 -0.24 2.17
C ALA A 15 9.53 1.10 2.08
N ASP A 16 8.77 2.17 2.31
CA ASP A 16 9.33 3.51 2.31
C ASP A 16 10.29 3.69 3.47
N GLU A 17 9.86 3.23 4.63
CA GLU A 17 10.65 3.29 5.85
C GLU A 17 11.95 2.50 5.72
N LEU A 18 11.90 1.39 5.01
CA LEU A 18 13.06 0.54 4.81
C LEU A 18 13.96 1.07 3.69
N GLY A 19 13.47 2.08 2.99
CA GLY A 19 14.23 2.65 1.90
C GLY A 19 14.20 1.78 0.67
N CYS A 20 13.09 1.09 0.47
CA CYS A 20 12.90 0.23 -0.69
C CYS A 20 12.01 0.94 -1.71
N PRO A 21 12.62 1.61 -2.72
CA PRO A 21 11.89 2.39 -3.72
C PRO A 21 11.00 1.53 -4.62
N GLU A 22 11.52 0.39 -5.05
CA GLU A 22 10.78 -0.47 -5.96
C GLU A 22 9.60 -1.11 -5.26
N GLU A 23 9.83 -1.60 -4.05
CA GLU A 23 8.77 -2.19 -3.26
C GLU A 23 7.73 -1.15 -2.90
N ARG A 24 8.21 0.06 -2.57
CA ARG A 24 7.32 1.14 -2.19
C ARG A 24 6.36 1.49 -3.31
N ALA A 25 6.88 1.57 -4.53
CA ALA A 25 6.06 1.92 -5.68
C ALA A 25 5.00 0.86 -5.95
N GLN A 26 5.40 -0.40 -5.87
CA GLN A 26 4.49 -1.51 -6.11
C GLN A 26 3.44 -1.61 -5.02
N LEU A 27 3.86 -1.41 -3.79
CA LEU A 27 2.96 -1.46 -2.66
C LEU A 27 2.01 -0.27 -2.66
N LEU A 28 2.51 0.88 -3.10
CA LEU A 28 1.68 2.08 -3.23
C LEU A 28 0.63 1.87 -4.31
N THR A 29 0.99 1.09 -5.33
CA THR A 29 0.06 0.77 -6.40
C THR A 29 -1.11 -0.03 -5.81
N ALA A 30 -0.78 -0.93 -4.90
CA ALA A 30 -1.76 -1.76 -4.23
C ALA A 30 -2.59 -0.94 -3.25
N ALA A 31 -1.93 0.00 -2.56
CA ALA A 31 -2.60 0.90 -1.60
C ALA A 31 -3.70 1.70 -2.28
N GLU A 32 -3.38 2.23 -3.45
CA GLU A 32 -4.31 3.03 -4.22
C GLU A 32 -5.42 2.17 -4.84
N LYS A 33 -5.04 0.98 -5.29
CA LYS A 33 -6.00 0.10 -5.96
C LYS A 33 -7.06 -0.42 -5.00
N ALA A 34 -6.63 -0.92 -3.85
CA ALA A 34 -7.58 -1.45 -2.86
C ALA A 34 -8.56 -0.37 -2.42
N ASP A 35 -8.07 0.85 -2.37
CA ASP A 35 -8.90 2.00 -2.02
C ASP A 35 -10.01 2.18 -3.04
N GLU A 36 -9.66 2.03 -4.32
CA GLU A 36 -10.61 2.17 -5.40
C GLU A 36 -11.71 1.11 -5.34
N LEU A 37 -11.35 -0.09 -4.91
CA LEU A 37 -12.34 -1.19 -4.78
C LEU A 37 -13.18 -1.01 -3.54
N GLY A 38 -12.72 -0.15 -2.66
CA GLY A 38 -13.43 0.07 -1.43
C GLY A 38 -13.19 -1.04 -0.44
N SER A 1 -12.77 -1.65 -1.36
CA SER A 1 -12.50 -2.64 -0.34
C SER A 1 -11.63 -2.03 0.78
N PRO A 2 -12.26 -1.62 1.90
CA PRO A 2 -11.56 -0.98 3.02
C PRO A 2 -10.54 -1.89 3.71
N GLU A 3 -10.92 -3.15 3.95
CA GLU A 3 -10.01 -4.07 4.63
C GLU A 3 -8.78 -4.34 3.79
N GLU A 4 -8.99 -4.56 2.50
CA GLU A 4 -7.89 -4.79 1.58
C GLU A 4 -7.05 -3.54 1.46
N ARG A 5 -7.72 -2.38 1.51
CA ARG A 5 -7.03 -1.12 1.42
C ARG A 5 -6.11 -0.94 2.60
N ALA A 6 -6.58 -1.28 3.78
CA ALA A 6 -5.78 -1.15 5.00
C ALA A 6 -4.52 -2.02 4.91
N GLN A 7 -4.68 -3.24 4.42
CA GLN A 7 -3.56 -4.16 4.28
C GLN A 7 -2.58 -3.71 3.20
N LEU A 8 -3.12 -3.29 2.07
CA LEU A 8 -2.31 -2.84 0.95
C LEU A 8 -1.62 -1.49 1.24
N LEU A 9 -2.34 -0.59 1.90
CA LEU A 9 -1.83 0.72 2.20
C LEU A 9 -0.72 0.66 3.24
N THR A 10 -0.88 -0.19 4.25
CA THR A 10 0.14 -0.32 5.28
C THR A 10 1.42 -0.89 4.69
N ALA A 11 1.27 -1.74 3.68
CA ALA A 11 2.41 -2.30 2.97
C ALA A 11 3.17 -1.21 2.24
N ALA A 12 2.43 -0.25 1.69
CA ALA A 12 3.02 0.90 1.02
C ALA A 12 3.84 1.70 2.00
N GLU A 13 3.30 1.92 3.18
CA GLU A 13 3.96 2.66 4.24
C GLU A 13 5.19 1.89 4.73
N LYS A 14 5.05 0.58 4.84
CA LYS A 14 6.15 -0.27 5.27
C LYS A 14 7.26 -0.32 4.22
N ALA A 15 6.88 -0.24 2.95
CA ALA A 15 7.84 -0.21 1.86
C ALA A 15 8.71 1.04 1.95
N ASP A 16 8.11 2.13 2.39
CA ASP A 16 8.85 3.38 2.61
C ASP A 16 9.82 3.18 3.74
N GLU A 17 9.34 2.52 4.77
CA GLU A 17 10.13 2.20 5.94
C GLU A 17 11.31 1.31 5.56
N LEU A 18 11.10 0.43 4.59
CA LEU A 18 12.14 -0.46 4.11
C LEU A 18 13.02 0.24 3.07
N GLY A 19 12.52 1.34 2.52
CA GLY A 19 13.26 2.10 1.55
C GLY A 19 13.39 1.39 0.21
N CYS A 20 12.37 0.63 -0.16
CA CYS A 20 12.38 -0.07 -1.44
C CYS A 20 11.44 0.60 -2.44
N PRO A 21 12.00 1.39 -3.37
CA PRO A 21 11.19 2.18 -4.34
C PRO A 21 10.32 1.33 -5.27
N GLU A 22 10.86 0.21 -5.75
CA GLU A 22 10.13 -0.63 -6.69
C GLU A 22 8.89 -1.24 -6.03
N GLU A 23 9.08 -1.71 -4.81
CA GLU A 23 7.99 -2.29 -4.05
C GLU A 23 7.06 -1.21 -3.55
N ARG A 24 7.64 -0.09 -3.13
CA ARG A 24 6.89 1.04 -2.59
C ARG A 24 5.90 1.56 -3.60
N ALA A 25 6.34 1.71 -4.83
CA ALA A 25 5.49 2.22 -5.89
C ALA A 25 4.33 1.27 -6.16
N GLN A 26 4.63 -0.02 -6.22
CA GLN A 26 3.63 -1.02 -6.50
C GLN A 26 2.64 -1.15 -5.34
N LEU A 27 3.17 -1.13 -4.13
CA LEU A 27 2.35 -1.24 -2.94
C LEU A 27 1.47 0.00 -2.78
N LEU A 28 2.00 1.15 -3.17
CA LEU A 28 1.23 2.39 -3.15
C LEU A 28 0.09 2.33 -4.16
N THR A 29 0.37 1.76 -5.32
CA THR A 29 -0.65 1.59 -6.34
C THR A 29 -1.72 0.63 -5.84
N ALA A 30 -1.30 -0.37 -5.08
CA ALA A 30 -2.22 -1.32 -4.48
C ALA A 30 -3.16 -0.61 -3.50
N ALA A 31 -2.59 0.34 -2.76
CA ALA A 31 -3.35 1.16 -1.82
C ALA A 31 -4.44 1.94 -2.57
N GLU A 32 -4.06 2.49 -3.72
CA GLU A 32 -4.96 3.28 -4.54
C GLU A 32 -6.00 2.39 -5.23
N LYS A 33 -5.56 1.22 -5.69
CA LYS A 33 -6.44 0.28 -6.37
C LYS A 33 -7.52 -0.23 -5.43
N ALA A 34 -7.12 -0.51 -4.19
CA ALA A 34 -8.06 -0.99 -3.18
C ALA A 34 -9.16 0.04 -2.94
N ASP A 35 -8.80 1.31 -3.03
CA ASP A 35 -9.76 2.40 -2.91
C ASP A 35 -10.76 2.35 -4.04
N GLU A 36 -10.26 2.13 -5.26
CA GLU A 36 -11.11 2.03 -6.44
C GLU A 36 -12.01 0.80 -6.36
N LEU A 37 -11.51 -0.24 -5.70
CA LEU A 37 -12.28 -1.46 -5.54
C LEU A 37 -13.32 -1.31 -4.43
N GLY A 38 -13.16 -0.26 -3.64
CA GLY A 38 -14.08 -0.01 -2.55
C GLY A 38 -13.92 -1.01 -1.43
N SER A 1 -12.92 -1.37 -1.16
CA SER A 1 -12.57 -2.37 -0.16
C SER A 1 -11.57 -1.77 0.86
N PRO A 2 -12.08 -1.31 2.02
CA PRO A 2 -11.25 -0.65 3.04
C PRO A 2 -10.19 -1.56 3.66
N GLU A 3 -10.56 -2.79 3.98
CA GLU A 3 -9.63 -3.72 4.62
C GLU A 3 -8.50 -4.07 3.68
N GLU A 4 -8.85 -4.35 2.43
CA GLU A 4 -7.87 -4.69 1.42
C GLU A 4 -6.98 -3.48 1.16
N ARG A 5 -7.58 -2.31 1.15
CA ARG A 5 -6.88 -1.07 0.96
C ARG A 5 -5.88 -0.85 2.08
N ALA A 6 -6.32 -1.10 3.31
CA ALA A 6 -5.48 -0.91 4.49
C ALA A 6 -4.27 -1.81 4.45
N GLN A 7 -4.46 -3.07 4.07
CA GLN A 7 -3.36 -4.03 4.02
C GLN A 7 -2.33 -3.60 2.98
N LEU A 8 -2.81 -3.16 1.83
CA LEU A 8 -1.94 -2.70 0.77
C LEU A 8 -1.27 -1.38 1.12
N LEU A 9 -2.04 -0.49 1.74
CA LEU A 9 -1.56 0.83 2.11
C LEU A 9 -0.52 0.75 3.22
N THR A 10 -0.74 -0.13 4.19
CA THR A 10 0.24 -0.32 5.27
C THR A 10 1.54 -0.87 4.69
N ALA A 11 1.42 -1.75 3.70
CA ALA A 11 2.56 -2.33 3.02
C ALA A 11 3.35 -1.23 2.30
N ALA A 12 2.63 -0.26 1.75
CA ALA A 12 3.23 0.89 1.08
C ALA A 12 4.11 1.65 2.05
N GLU A 13 3.62 1.78 3.27
CA GLU A 13 4.36 2.45 4.34
C GLU A 13 5.56 1.60 4.75
N LYS A 14 5.36 0.30 4.83
CA LYS A 14 6.40 -0.62 5.24
C LYS A 14 7.55 -0.63 4.25
N ALA A 15 7.23 -0.68 2.96
CA ALA A 15 8.24 -0.68 1.93
C ALA A 15 9.04 0.62 1.94
N ASP A 16 8.36 1.73 2.20
CA ASP A 16 9.03 3.03 2.28
C ASP A 16 9.95 3.07 3.47
N GLU A 17 9.46 2.57 4.59
CA GLU A 17 10.21 2.49 5.83
C GLU A 17 11.44 1.59 5.65
N LEU A 18 11.30 0.58 4.79
CA LEU A 18 12.38 -0.34 4.52
C LEU A 18 13.33 0.22 3.47
N GLY A 19 12.96 1.32 2.86
CA GLY A 19 13.79 1.96 1.86
C GLY A 19 13.71 1.28 0.51
N CYS A 20 12.54 0.73 0.20
CA CYS A 20 12.33 0.06 -1.06
C CYS A 20 11.30 0.81 -1.92
N PRO A 21 11.76 1.73 -2.77
CA PRO A 21 10.90 2.56 -3.62
C PRO A 21 10.10 1.76 -4.63
N GLU A 22 10.75 0.79 -5.28
CA GLU A 22 10.10 -0.02 -6.30
C GLU A 22 8.94 -0.81 -5.70
N GLU A 23 9.16 -1.39 -4.54
CA GLU A 23 8.12 -2.14 -3.86
C GLU A 23 7.03 -1.20 -3.37
N ARG A 24 7.46 -0.04 -2.88
CA ARG A 24 6.55 0.97 -2.36
C ARG A 24 5.58 1.42 -3.45
N ALA A 25 6.10 1.64 -4.64
CA ALA A 25 5.30 2.10 -5.77
C ALA A 25 4.19 1.09 -6.10
N GLN A 26 4.52 -0.19 -6.04
CA GLN A 26 3.55 -1.23 -6.36
C GLN A 26 2.52 -1.36 -5.26
N LEU A 27 2.95 -1.19 -4.03
CA LEU A 27 2.07 -1.28 -2.88
C LEU A 27 1.17 -0.04 -2.79
N LEU A 28 1.72 1.11 -3.15
CA LEU A 28 0.96 2.36 -3.16
C LEU A 28 -0.12 2.34 -4.23
N THR A 29 0.20 1.78 -5.39
CA THR A 29 -0.77 1.67 -6.46
C THR A 29 -1.84 0.64 -6.12
N ALA A 30 -1.43 -0.40 -5.38
CA ALA A 30 -2.35 -1.42 -4.92
C ALA A 30 -3.39 -0.81 -3.98
N ALA A 31 -2.93 0.09 -3.11
CA ALA A 31 -3.82 0.80 -2.18
C ALA A 31 -4.89 1.57 -2.93
N GLU A 32 -4.49 2.20 -4.03
CA GLU A 32 -5.39 2.97 -4.86
C GLU A 32 -6.40 2.08 -5.58
N LYS A 33 -5.94 0.93 -6.04
CA LYS A 33 -6.80 0.00 -6.77
C LYS A 33 -7.85 -0.61 -5.84
N ALA A 34 -7.43 -0.94 -4.63
CA ALA A 34 -8.34 -1.50 -3.64
C ALA A 34 -9.37 -0.45 -3.21
N ASP A 35 -8.92 0.81 -3.15
CA ASP A 35 -9.80 1.91 -2.80
C ASP A 35 -10.86 2.12 -3.86
N GLU A 36 -10.47 1.92 -5.12
CA GLU A 36 -11.37 2.03 -6.24
C GLU A 36 -12.47 0.97 -6.13
N LEU A 37 -12.11 -0.18 -5.58
CA LEU A 37 -13.07 -1.25 -5.36
C LEU A 37 -13.95 -0.96 -4.16
N GLY A 38 -13.54 0.01 -3.36
CA GLY A 38 -14.27 0.35 -2.17
C GLY A 38 -14.03 -0.66 -1.07
N SER A 1 -12.81 -1.14 -1.32
CA SER A 1 -12.60 -2.20 -0.34
C SER A 1 -11.69 -1.72 0.80
N PRO A 2 -12.28 -1.34 1.95
CA PRO A 2 -11.53 -0.81 3.12
C PRO A 2 -10.56 -1.83 3.73
N GLU A 3 -11.02 -3.07 3.93
CA GLU A 3 -10.19 -4.10 4.55
C GLU A 3 -9.00 -4.44 3.66
N GLU A 4 -9.27 -4.57 2.38
CA GLU A 4 -8.23 -4.88 1.42
C GLU A 4 -7.26 -3.71 1.33
N ARG A 5 -7.79 -2.49 1.36
CA ARG A 5 -6.98 -1.31 1.30
C ARG A 5 -6.09 -1.20 2.51
N ALA A 6 -6.61 -1.54 3.67
CA ALA A 6 -5.86 -1.43 4.92
C ALA A 6 -4.58 -2.27 4.88
N GLN A 7 -4.69 -3.48 4.35
CA GLN A 7 -3.54 -4.35 4.24
C GLN A 7 -2.55 -3.83 3.20
N LEU A 8 -3.07 -3.41 2.07
CA LEU A 8 -2.25 -2.91 0.96
C LEU A 8 -1.62 -1.56 1.28
N LEU A 9 -2.35 -0.70 1.97
CA LEU A 9 -1.89 0.61 2.32
C LEU A 9 -0.77 0.53 3.36
N THR A 10 -0.90 -0.38 4.32
CA THR A 10 0.14 -0.56 5.31
C THR A 10 1.39 -1.13 4.67
N ALA A 11 1.20 -1.95 3.64
CA ALA A 11 2.31 -2.51 2.87
C ALA A 11 3.08 -1.38 2.20
N ALA A 12 2.34 -0.40 1.68
CA ALA A 12 2.92 0.78 1.06
C ALA A 12 3.75 1.55 2.09
N GLU A 13 3.21 1.65 3.30
CA GLU A 13 3.88 2.33 4.40
C GLU A 13 5.17 1.60 4.77
N LYS A 14 5.09 0.27 4.78
CA LYS A 14 6.22 -0.57 5.13
C LYS A 14 7.35 -0.43 4.11
N ALA A 15 6.99 -0.46 2.84
CA ALA A 15 7.99 -0.34 1.78
C ALA A 15 8.63 1.04 1.79
N ASP A 16 7.83 2.04 2.14
CA ASP A 16 8.31 3.41 2.22
C ASP A 16 9.28 3.55 3.38
N GLU A 17 8.97 2.88 4.47
CA GLU A 17 9.81 2.86 5.65
C GLU A 17 11.13 2.12 5.36
N LEU A 18 11.04 1.09 4.54
CA LEU A 18 12.21 0.27 4.20
C LEU A 18 13.05 0.94 3.11
N GLY A 19 12.50 1.96 2.50
CA GLY A 19 13.21 2.69 1.48
C GLY A 19 13.31 1.93 0.18
N CYS A 20 12.39 1.02 -0.05
CA CYS A 20 12.37 0.25 -1.28
C CYS A 20 11.42 0.92 -2.28
N PRO A 21 11.97 1.66 -3.26
CA PRO A 21 11.17 2.46 -4.20
C PRO A 21 10.26 1.65 -5.12
N GLU A 22 10.77 0.55 -5.67
CA GLU A 22 9.98 -0.23 -6.61
C GLU A 22 8.86 -0.97 -5.91
N GLU A 23 9.14 -1.56 -4.76
CA GLU A 23 8.11 -2.25 -4.01
C GLU A 23 7.11 -1.25 -3.47
N ARG A 24 7.59 -0.08 -3.11
CA ARG A 24 6.72 0.98 -2.62
C ARG A 24 5.74 1.37 -3.71
N ALA A 25 6.23 1.51 -4.93
CA ALA A 25 5.38 1.86 -6.06
C ALA A 25 4.33 0.79 -6.30
N GLN A 26 4.76 -0.47 -6.24
CA GLN A 26 3.86 -1.58 -6.45
C GLN A 26 2.81 -1.66 -5.34
N LEU A 27 3.25 -1.46 -4.11
CA LEU A 27 2.37 -1.53 -2.97
C LEU A 27 1.45 -0.32 -2.88
N LEU A 28 1.97 0.85 -3.26
CA LEU A 28 1.15 2.06 -3.29
C LEU A 28 0.09 1.96 -4.37
N THR A 29 0.43 1.29 -5.46
CA THR A 29 -0.53 1.06 -6.52
C THR A 29 -1.66 0.18 -5.98
N ALA A 30 -1.28 -0.82 -5.18
CA ALA A 30 -2.25 -1.69 -4.54
C ALA A 30 -3.08 -0.92 -3.52
N ALA A 31 -2.43 -0.03 -2.78
CA ALA A 31 -3.09 0.81 -1.78
C ALA A 31 -4.16 1.66 -2.45
N GLU A 32 -3.82 2.23 -3.59
CA GLU A 32 -4.76 3.03 -4.36
C GLU A 32 -5.80 2.15 -5.04
N LYS A 33 -5.35 1.01 -5.56
CA LYS A 33 -6.23 0.06 -6.26
C LYS A 33 -7.41 -0.32 -5.40
N ALA A 34 -7.15 -0.82 -4.21
CA ALA A 34 -8.19 -1.23 -3.28
C ALA A 34 -9.07 -0.04 -2.90
N ASP A 35 -8.46 1.14 -2.82
CA ASP A 35 -9.19 2.36 -2.51
C ASP A 35 -10.19 2.68 -3.63
N GLU A 36 -9.75 2.50 -4.87
CA GLU A 36 -10.61 2.71 -6.04
C GLU A 36 -11.73 1.68 -6.06
N LEU A 37 -11.44 0.48 -5.59
CA LEU A 37 -12.40 -0.62 -5.59
C LEU A 37 -13.43 -0.46 -4.47
N GLY A 38 -13.13 0.42 -3.53
CA GLY A 38 -14.02 0.65 -2.41
C GLY A 38 -13.93 -0.44 -1.35
N SER A 1 -12.41 -3.16 -1.60
CA SER A 1 -11.88 -4.06 -0.60
C SER A 1 -11.13 -3.31 0.51
N PRO A 2 -11.86 -2.90 1.57
CA PRO A 2 -11.27 -2.18 2.71
C PRO A 2 -10.25 -3.03 3.47
N GLU A 3 -10.52 -4.32 3.54
CA GLU A 3 -9.63 -5.26 4.22
C GLU A 3 -8.30 -5.34 3.52
N GLU A 4 -8.34 -5.42 2.20
CA GLU A 4 -7.14 -5.46 1.40
C GLU A 4 -6.46 -4.10 1.43
N ARG A 5 -7.28 -3.06 1.49
CA ARG A 5 -6.78 -1.69 1.54
C ARG A 5 -5.96 -1.47 2.80
N ALA A 6 -6.44 -1.99 3.91
CA ALA A 6 -5.73 -1.85 5.19
C ALA A 6 -4.36 -2.50 5.11
N GLN A 7 -4.30 -3.69 4.52
CA GLN A 7 -3.03 -4.40 4.36
C GLN A 7 -2.09 -3.66 3.41
N LEU A 8 -2.64 -3.13 2.34
CA LEU A 8 -1.87 -2.38 1.36
C LEU A 8 -1.39 -1.05 1.92
N LEU A 9 -2.24 -0.41 2.72
CA LEU A 9 -1.91 0.85 3.36
C LEU A 9 -0.78 0.69 4.36
N THR A 10 -0.82 -0.40 5.12
CA THR A 10 0.23 -0.69 6.07
C THR A 10 1.49 -1.13 5.32
N ALA A 11 1.31 -1.80 4.19
CA ALA A 11 2.41 -2.23 3.33
C ALA A 11 3.19 -1.01 2.83
N ALA A 12 2.45 0.05 2.51
CA ALA A 12 3.05 1.30 2.06
C ALA A 12 3.96 1.86 3.14
N GLU A 13 3.48 1.81 4.38
CA GLU A 13 4.24 2.28 5.52
C GLU A 13 5.41 1.33 5.80
N LYS A 14 5.20 0.05 5.53
CA LYS A 14 6.21 -0.98 5.74
C LYS A 14 7.39 -0.77 4.80
N ALA A 15 7.10 -0.51 3.53
CA ALA A 15 8.14 -0.30 2.54
C ALA A 15 8.93 0.95 2.84
N ASP A 16 8.23 1.97 3.32
CA ASP A 16 8.87 3.23 3.69
C ASP A 16 9.82 3.00 4.85
N GLU A 17 9.37 2.19 5.80
CA GLU A 17 10.14 1.85 6.98
C GLU A 17 11.40 1.07 6.61
N LEU A 18 11.30 0.25 5.56
CA LEU A 18 12.44 -0.52 5.09
C LEU A 18 13.34 0.30 4.19
N GLY A 19 12.84 1.46 3.80
CA GLY A 19 13.62 2.32 2.94
C GLY A 19 13.55 1.89 1.50
N CYS A 20 12.41 1.37 1.10
CA CYS A 20 12.20 0.95 -0.28
C CYS A 20 11.18 1.88 -0.96
N PRO A 21 11.67 2.95 -1.62
CA PRO A 21 10.80 3.95 -2.25
C PRO A 21 9.99 3.40 -3.42
N GLU A 22 10.62 2.58 -4.25
CA GLU A 22 9.95 2.02 -5.42
C GLU A 22 8.84 1.05 -5.00
N GLU A 23 9.14 0.21 -4.02
CA GLU A 23 8.14 -0.71 -3.51
C GLU A 23 7.04 0.07 -2.80
N ARG A 24 7.45 1.11 -2.09
CA ARG A 24 6.52 1.97 -1.37
C ARG A 24 5.53 2.62 -2.33
N ALA A 25 6.05 3.12 -3.44
CA ALA A 25 5.22 3.78 -4.44
C ALA A 25 4.14 2.84 -4.97
N GLN A 26 4.52 1.59 -5.22
CA GLN A 26 3.60 0.59 -5.72
C GLN A 26 2.57 0.21 -4.67
N LEU A 27 3.02 0.09 -3.44
CA LEU A 27 2.15 -0.24 -2.33
C LEU A 27 1.19 0.91 -2.01
N LEU A 28 1.67 2.14 -2.21
CA LEU A 28 0.86 3.32 -2.00
C LEU A 28 -0.29 3.40 -3.00
N THR A 29 0.01 3.10 -4.27
CA THR A 29 -1.01 3.10 -5.30
C THR A 29 -2.05 1.99 -5.05
N ALA A 30 -1.59 0.91 -4.46
CA ALA A 30 -2.44 -0.23 -4.12
C ALA A 30 -3.50 0.18 -3.10
N ALA A 31 -3.12 1.11 -2.20
CA ALA A 31 -4.03 1.60 -1.17
C ALA A 31 -5.27 2.26 -1.80
N GLU A 32 -5.04 3.07 -2.83
CA GLU A 32 -6.14 3.73 -3.54
C GLU A 32 -6.91 2.74 -4.39
N LYS A 33 -6.18 1.85 -5.04
CA LYS A 33 -6.79 0.86 -5.91
C LYS A 33 -7.68 -0.10 -5.15
N ALA A 34 -7.29 -0.43 -3.93
CA ALA A 34 -8.06 -1.32 -3.09
C ALA A 34 -9.43 -0.71 -2.80
N ASP A 35 -9.48 0.61 -2.63
CA ASP A 35 -10.73 1.31 -2.41
C ASP A 35 -11.61 1.23 -3.64
N GLU A 36 -10.98 1.42 -4.80
CA GLU A 36 -11.69 1.32 -6.07
C GLU A 36 -12.24 -0.08 -6.28
N LEU A 37 -11.50 -1.07 -5.78
CA LEU A 37 -11.91 -2.48 -5.88
C LEU A 37 -13.00 -2.78 -4.87
N GLY A 38 -13.16 -1.89 -3.91
CA GLY A 38 -14.16 -2.09 -2.88
C GLY A 38 -13.71 -3.07 -1.82
N SER A 1 -12.05 -1.25 -1.28
CA SER A 1 -11.75 -2.16 -0.20
C SER A 1 -10.96 -1.44 0.89
N PRO A 2 -11.64 -0.98 1.97
CA PRO A 2 -11.01 -0.22 3.06
C PRO A 2 -9.95 -1.02 3.82
N GLU A 3 -10.23 -2.28 4.11
CA GLU A 3 -9.31 -3.09 4.88
C GLU A 3 -8.04 -3.39 4.10
N GLU A 4 -8.20 -3.77 2.85
CA GLU A 4 -7.05 -4.09 2.01
C GLU A 4 -6.28 -2.83 1.68
N ARG A 5 -7.00 -1.73 1.53
CA ARG A 5 -6.38 -0.44 1.27
C ARG A 5 -5.48 -0.06 2.43
N ALA A 6 -5.99 -0.23 3.65
CA ALA A 6 -5.25 0.09 4.85
C ALA A 6 -4.00 -0.78 4.94
N GLN A 7 -4.15 -2.06 4.62
CA GLN A 7 -3.02 -2.99 4.66
C GLN A 7 -1.94 -2.60 3.66
N LEU A 8 -2.36 -2.24 2.46
CA LEU A 8 -1.44 -1.84 1.41
C LEU A 8 -0.80 -0.48 1.71
N LEU A 9 -1.62 0.44 2.23
CA LEU A 9 -1.14 1.77 2.56
C LEU A 9 -0.15 1.75 3.73
N THR A 10 -0.38 0.86 4.69
CA THR A 10 0.54 0.73 5.80
C THR A 10 1.82 0.07 5.34
N ALA A 11 1.69 -0.89 4.41
CA ALA A 11 2.83 -1.57 3.83
C ALA A 11 3.70 -0.57 3.05
N ALA A 12 3.05 0.39 2.41
CA ALA A 12 3.73 1.46 1.68
C ALA A 12 4.59 2.26 2.64
N GLU A 13 4.02 2.54 3.82
CA GLU A 13 4.70 3.29 4.85
C GLU A 13 5.85 2.46 5.45
N LYS A 14 5.58 1.17 5.65
CA LYS A 14 6.55 0.27 6.22
C LYS A 14 7.75 0.06 5.29
N ALA A 15 7.48 -0.05 4.01
CA ALA A 15 8.55 -0.22 3.02
C ALA A 15 9.44 1.01 2.99
N ASP A 16 8.84 2.16 3.19
CA ASP A 16 9.59 3.42 3.24
C ASP A 16 10.47 3.43 4.46
N GLU A 17 9.94 2.94 5.57
CA GLU A 17 10.67 2.85 6.80
C GLU A 17 11.84 1.87 6.67
N LEU A 18 11.68 0.90 5.78
CA LEU A 18 12.71 -0.09 5.53
C LEU A 18 13.75 0.46 4.56
N GLY A 19 13.44 1.59 3.94
CA GLY A 19 14.34 2.19 2.99
C GLY A 19 14.32 1.46 1.67
N CYS A 20 13.16 0.94 1.31
CA CYS A 20 12.99 0.23 0.07
C CYS A 20 12.04 1.00 -0.85
N PRO A 21 12.59 1.86 -1.72
CA PRO A 21 11.80 2.70 -2.61
C PRO A 21 11.01 1.89 -3.64
N GLU A 22 11.63 0.85 -4.17
CA GLU A 22 10.97 0.00 -5.17
C GLU A 22 9.80 -0.75 -4.53
N GLU A 23 10.03 -1.28 -3.34
CA GLU A 23 8.99 -2.00 -2.61
C GLU A 23 7.87 -1.04 -2.26
N ARG A 24 8.25 0.16 -1.83
CA ARG A 24 7.31 1.19 -1.48
C ARG A 24 6.45 1.56 -2.68
N ALA A 25 7.09 1.67 -3.85
CA ALA A 25 6.39 2.03 -5.08
C ALA A 25 5.33 0.99 -5.43
N GLN A 26 5.68 -0.27 -5.27
CA GLN A 26 4.78 -1.37 -5.57
C GLN A 26 3.59 -1.36 -4.59
N LEU A 27 3.88 -1.10 -3.33
CA LEU A 27 2.87 -1.05 -2.30
C LEU A 27 2.00 0.21 -2.41
N LEU A 28 2.62 1.33 -2.79
CA LEU A 28 1.92 2.59 -2.97
C LEU A 28 0.94 2.52 -4.13
N THR A 29 1.33 1.83 -5.19
CA THR A 29 0.45 1.65 -6.32
C THR A 29 -0.69 0.70 -5.97
N ALA A 30 -0.39 -0.25 -5.09
CA ALA A 30 -1.38 -1.18 -4.56
C ALA A 30 -2.43 -0.42 -3.75
N ALA A 31 -1.99 0.63 -3.05
CA ALA A 31 -2.88 1.50 -2.28
C ALA A 31 -3.91 2.14 -3.21
N GLU A 32 -3.46 2.50 -4.40
CA GLU A 32 -4.32 3.11 -5.42
C GLU A 32 -5.30 2.06 -5.95
N LYS A 33 -4.80 0.84 -6.15
CA LYS A 33 -5.61 -0.27 -6.63
C LYS A 33 -6.74 -0.58 -5.65
N ALA A 34 -6.38 -0.70 -4.39
CA ALA A 34 -7.36 -1.02 -3.35
C ALA A 34 -8.37 0.11 -3.18
N ASP A 35 -7.92 1.34 -3.35
CA ASP A 35 -8.80 2.50 -3.24
C ASP A 35 -9.88 2.44 -4.31
N GLU A 36 -9.48 2.16 -5.54
CA GLU A 36 -10.41 2.04 -6.65
C GLU A 36 -11.32 0.82 -6.44
N LEU A 37 -10.81 -0.16 -5.73
CA LEU A 37 -11.53 -1.38 -5.45
C LEU A 37 -12.58 -1.15 -4.36
N GLY A 38 -12.46 -0.04 -3.66
CA GLY A 38 -13.39 0.26 -2.60
C GLY A 38 -13.24 -0.68 -1.42
N SER A 1 -12.09 -1.31 -1.41
CA SER A 1 -11.82 -2.26 -0.36
C SER A 1 -11.09 -1.57 0.80
N PRO A 2 -11.81 -1.22 1.88
CA PRO A 2 -11.26 -0.47 3.01
C PRO A 2 -10.16 -1.22 3.77
N GLU A 3 -10.36 -2.51 3.99
CA GLU A 3 -9.41 -3.30 4.75
C GLU A 3 -8.10 -3.46 4.01
N GLU A 4 -8.20 -3.79 2.73
CA GLU A 4 -7.03 -4.00 1.91
C GLU A 4 -6.32 -2.69 1.65
N ARG A 5 -7.10 -1.61 1.56
CA ARG A 5 -6.55 -0.29 1.34
C ARG A 5 -5.63 0.10 2.50
N ALA A 6 -6.11 -0.15 3.72
CA ALA A 6 -5.33 0.19 4.92
C ALA A 6 -4.06 -0.63 5.01
N GLN A 7 -4.16 -1.92 4.73
CA GLN A 7 -3.00 -2.80 4.78
C GLN A 7 -1.96 -2.44 3.72
N LEU A 8 -2.41 -2.16 2.53
CA LEU A 8 -1.51 -1.80 1.44
C LEU A 8 -0.88 -0.42 1.66
N LEU A 9 -1.67 0.51 2.19
CA LEU A 9 -1.19 1.85 2.48
C LEU A 9 -0.16 1.86 3.61
N THR A 10 -0.38 1.04 4.61
CA THR A 10 0.56 0.94 5.71
C THR A 10 1.83 0.22 5.27
N ALA A 11 1.67 -0.73 4.35
CA ALA A 11 2.80 -1.45 3.78
C ALA A 11 3.71 -0.47 3.04
N ALA A 12 3.10 0.50 2.38
CA ALA A 12 3.82 1.53 1.66
C ALA A 12 4.69 2.34 2.61
N GLU A 13 4.14 2.68 3.76
CA GLU A 13 4.84 3.46 4.76
C GLU A 13 5.93 2.62 5.44
N LYS A 14 5.61 1.36 5.72
CA LYS A 14 6.54 0.46 6.36
C LYS A 14 7.74 0.20 5.46
N ALA A 15 7.50 0.11 4.17
CA ALA A 15 8.56 -0.10 3.21
C ALA A 15 9.52 1.08 3.22
N ASP A 16 8.98 2.28 3.39
CA ASP A 16 9.81 3.50 3.43
C ASP A 16 10.72 3.48 4.64
N GLU A 17 10.17 3.04 5.77
CA GLU A 17 10.92 2.93 7.00
C GLU A 17 12.08 1.96 6.85
N LEU A 18 11.87 0.92 6.07
CA LEU A 18 12.87 -0.09 5.82
C LEU A 18 13.71 0.30 4.60
N GLY A 19 13.39 1.44 4.02
CA GLY A 19 14.08 1.87 2.83
C GLY A 19 13.29 1.48 1.61
N CYS A 20 13.64 0.31 1.07
CA CYS A 20 12.98 -0.33 -0.08
C CYS A 20 12.23 0.66 -1.00
N PRO A 21 12.98 1.49 -1.76
CA PRO A 21 12.39 2.50 -2.63
C PRO A 21 11.47 1.91 -3.70
N GLU A 22 11.91 0.81 -4.30
CA GLU A 22 11.15 0.17 -5.35
C GLU A 22 9.90 -0.51 -4.81
N GLU A 23 10.07 -1.23 -3.70
CA GLU A 23 8.97 -1.96 -3.09
C GLU A 23 7.91 -1.01 -2.55
N ARG A 24 8.34 0.15 -2.06
CA ARG A 24 7.41 1.14 -1.56
C ARG A 24 6.49 1.60 -2.68
N ALA A 25 7.07 1.83 -3.85
CA ALA A 25 6.30 2.27 -5.01
C ALA A 25 5.24 1.25 -5.37
N GLN A 26 5.61 -0.02 -5.34
CA GLN A 26 4.69 -1.10 -5.64
C GLN A 26 3.55 -1.14 -4.62
N LEU A 27 3.90 -0.95 -3.36
CA LEU A 27 2.92 -0.96 -2.29
C LEU A 27 2.01 0.26 -2.37
N LEU A 28 2.58 1.39 -2.74
CA LEU A 28 1.81 2.61 -2.93
C LEU A 28 0.86 2.45 -4.11
N THR A 29 1.29 1.68 -5.10
CA THR A 29 0.46 1.38 -6.26
C THR A 29 -0.73 0.50 -5.85
N ALA A 30 -0.45 -0.44 -4.97
CA ALA A 30 -1.45 -1.34 -4.43
C ALA A 30 -2.49 -0.55 -3.61
N ALA A 31 -2.01 0.47 -2.92
CA ALA A 31 -2.85 1.34 -2.10
C ALA A 31 -3.93 2.00 -2.95
N GLU A 32 -3.54 2.49 -4.13
CA GLU A 32 -4.48 3.14 -5.04
C GLU A 32 -5.42 2.11 -5.67
N LYS A 33 -4.88 0.96 -6.02
CA LYS A 33 -5.66 -0.09 -6.66
C LYS A 33 -6.77 -0.58 -5.72
N ALA A 34 -6.42 -0.83 -4.46
CA ALA A 34 -7.39 -1.27 -3.47
C ALA A 34 -8.41 -0.17 -3.22
N ASP A 35 -7.96 1.07 -3.28
CA ASP A 35 -8.82 2.22 -3.11
C ASP A 35 -9.86 2.28 -4.23
N GLU A 36 -9.43 2.03 -5.45
CA GLU A 36 -10.32 2.00 -6.61
C GLU A 36 -11.32 0.86 -6.51
N LEU A 37 -10.91 -0.22 -5.85
CA LEU A 37 -11.77 -1.38 -5.65
C LEU A 37 -12.77 -1.11 -4.54
N GLY A 38 -12.53 -0.05 -3.78
CA GLY A 38 -13.41 0.28 -2.68
C GLY A 38 -13.28 -0.72 -1.55
N SER A 1 -11.97 -0.89 -1.42
CA SER A 1 -11.79 -1.86 -0.37
C SER A 1 -10.96 -1.26 0.77
N PRO A 2 -11.65 -0.70 1.80
CA PRO A 2 -10.99 -0.04 2.94
C PRO A 2 -10.03 -0.95 3.71
N GLU A 3 -10.46 -2.17 3.98
CA GLU A 3 -9.64 -3.10 4.76
C GLU A 3 -8.35 -3.46 4.04
N GLU A 4 -8.46 -3.71 2.74
CA GLU A 4 -7.29 -4.03 1.95
C GLU A 4 -6.46 -2.78 1.72
N ARG A 5 -7.13 -1.64 1.59
CA ARG A 5 -6.45 -0.38 1.40
C ARG A 5 -5.60 -0.07 2.61
N ALA A 6 -6.16 -0.27 3.79
CA ALA A 6 -5.44 -0.01 5.03
C ALA A 6 -4.20 -0.89 5.15
N GLN A 7 -4.33 -2.16 4.79
CA GLN A 7 -3.21 -3.09 4.86
C GLN A 7 -2.14 -2.75 3.84
N LEU A 8 -2.57 -2.46 2.62
CA LEU A 8 -1.65 -2.13 1.55
C LEU A 8 -1.01 -0.76 1.74
N LEU A 9 -1.78 0.17 2.28
CA LEU A 9 -1.30 1.50 2.52
C LEU A 9 -0.26 1.51 3.64
N THR A 10 -0.51 0.73 4.69
CA THR A 10 0.45 0.62 5.77
C THR A 10 1.71 -0.10 5.30
N ALA A 11 1.53 -1.03 4.37
CA ALA A 11 2.65 -1.73 3.75
C ALA A 11 3.52 -0.74 2.99
N ALA A 12 2.87 0.24 2.36
CA ALA A 12 3.56 1.31 1.64
C ALA A 12 4.45 2.07 2.59
N GLU A 13 3.94 2.33 3.79
CA GLU A 13 4.70 3.01 4.82
C GLU A 13 5.82 2.12 5.36
N LYS A 14 5.57 0.82 5.42
CA LYS A 14 6.57 -0.12 5.92
C LYS A 14 7.80 -0.14 5.03
N ALA A 15 7.59 -0.18 3.73
CA ALA A 15 8.69 -0.14 2.78
C ALA A 15 9.38 1.22 2.85
N ASP A 16 8.59 2.25 3.09
CA ASP A 16 9.12 3.60 3.26
C ASP A 16 10.01 3.66 4.50
N GLU A 17 9.54 3.01 5.56
CA GLU A 17 10.27 2.90 6.80
C GLU A 17 11.59 2.16 6.61
N LEU A 18 11.57 1.19 5.70
CA LEU A 18 12.75 0.39 5.42
C LEU A 18 13.68 1.12 4.45
N GLY A 19 13.15 2.14 3.81
CA GLY A 19 13.94 2.92 2.87
C GLY A 19 14.16 2.22 1.55
N CYS A 20 13.18 1.44 1.12
CA CYS A 20 13.27 0.74 -0.15
C CYS A 20 12.24 1.28 -1.15
N PRO A 21 12.67 2.19 -2.04
CA PRO A 21 11.79 2.82 -3.03
C PRO A 21 11.12 1.83 -3.98
N GLU A 22 11.85 0.79 -4.36
CA GLU A 22 11.34 -0.19 -5.32
C GLU A 22 10.12 -0.91 -4.77
N GLU A 23 10.21 -1.34 -3.53
CA GLU A 23 9.10 -2.04 -2.89
C GLU A 23 8.02 -1.07 -2.47
N ARG A 24 8.43 0.12 -2.06
CA ARG A 24 7.50 1.16 -1.65
C ARG A 24 6.59 1.53 -2.82
N ALA A 25 7.18 1.65 -4.01
CA ALA A 25 6.42 1.98 -5.20
C ALA A 25 5.38 0.90 -5.48
N GLN A 26 5.77 -0.35 -5.32
CA GLN A 26 4.85 -1.47 -5.56
C GLN A 26 3.72 -1.48 -4.55
N LEU A 27 4.05 -1.22 -3.30
CA LEU A 27 3.08 -1.22 -2.23
C LEU A 27 2.16 -0.01 -2.32
N LEU A 28 2.71 1.12 -2.74
CA LEU A 28 1.91 2.32 -2.94
C LEU A 28 0.92 2.12 -4.08
N THR A 29 1.34 1.36 -5.08
CA THR A 29 0.47 1.03 -6.19
C THR A 29 -0.70 0.16 -5.69
N ALA A 30 -0.39 -0.69 -4.73
CA ALA A 30 -1.39 -1.55 -4.12
C ALA A 30 -2.34 -0.73 -3.25
N ALA A 31 -1.79 0.28 -2.56
CA ALA A 31 -2.58 1.19 -1.73
C ALA A 31 -3.61 1.91 -2.59
N GLU A 32 -3.16 2.36 -3.76
CA GLU A 32 -4.01 3.07 -4.70
C GLU A 32 -5.04 2.14 -5.35
N LYS A 33 -4.61 0.94 -5.68
CA LYS A 33 -5.49 -0.03 -6.34
C LYS A 33 -6.64 -0.44 -5.43
N ALA A 34 -6.32 -0.68 -4.15
CA ALA A 34 -7.34 -1.04 -3.18
C ALA A 34 -8.33 0.08 -2.99
N ASP A 35 -7.83 1.31 -3.07
CA ASP A 35 -8.67 2.49 -2.97
C ASP A 35 -9.61 2.59 -4.16
N GLU A 36 -9.07 2.32 -5.35
CA GLU A 36 -9.85 2.32 -6.58
C GLU A 36 -10.93 1.25 -6.55
N LEU A 37 -10.60 0.12 -5.93
CA LEU A 37 -11.52 -0.99 -5.83
C LEU A 37 -12.56 -0.72 -4.73
N GLY A 38 -12.29 0.28 -3.91
CA GLY A 38 -13.19 0.63 -2.84
C GLY A 38 -13.16 -0.39 -1.72
N SER A 1 -12.07 -2.07 -1.55
CA SER A 1 -11.68 -3.01 -0.51
C SER A 1 -11.06 -2.27 0.70
N PRO A 2 -11.85 -2.03 1.76
CA PRO A 2 -11.38 -1.31 2.96
C PRO A 2 -10.24 -2.03 3.70
N GLU A 3 -10.41 -3.34 3.89
CA GLU A 3 -9.40 -4.12 4.62
C GLU A 3 -8.12 -4.23 3.82
N GLU A 4 -8.25 -4.47 2.53
CA GLU A 4 -7.08 -4.58 1.68
C GLU A 4 -6.37 -3.25 1.59
N ARG A 5 -7.14 -2.17 1.50
CA ARG A 5 -6.58 -0.85 1.43
C ARG A 5 -5.79 -0.53 2.68
N ALA A 6 -6.34 -0.90 3.83
CA ALA A 6 -5.68 -0.64 5.10
C ALA A 6 -4.34 -1.36 5.18
N GLN A 7 -4.31 -2.60 4.73
CA GLN A 7 -3.10 -3.40 4.76
C GLN A 7 -2.06 -2.88 3.75
N LEU A 8 -2.52 -2.57 2.56
CA LEU A 8 -1.66 -2.09 1.50
C LEU A 8 -1.16 -0.66 1.76
N LEU A 9 -2.03 0.18 2.30
CA LEU A 9 -1.68 1.55 2.59
C LEU A 9 -0.63 1.64 3.69
N THR A 10 -0.82 0.85 4.75
CA THR A 10 0.14 0.83 5.84
C THR A 10 1.47 0.25 5.38
N ALA A 11 1.38 -0.70 4.45
CA ALA A 11 2.55 -1.31 3.86
C ALA A 11 3.39 -0.27 3.12
N ALA A 12 2.70 0.66 2.47
CA ALA A 12 3.35 1.75 1.75
C ALA A 12 4.18 2.59 2.71
N GLU A 13 3.64 2.78 3.90
CA GLU A 13 4.32 3.52 4.95
C GLU A 13 5.50 2.72 5.48
N LYS A 14 5.29 1.41 5.62
CA LYS A 14 6.31 0.51 6.13
C LYS A 14 7.52 0.43 5.21
N ALA A 15 7.27 0.29 3.92
CA ALA A 15 8.34 0.20 2.94
C ALA A 15 9.19 1.46 2.95
N ASP A 16 8.54 2.59 3.15
CA ASP A 16 9.25 3.86 3.24
C ASP A 16 10.14 3.87 4.47
N GLU A 17 9.57 3.41 5.57
CA GLU A 17 10.25 3.32 6.84
C GLU A 17 11.45 2.35 6.75
N LEU A 18 11.32 1.33 5.91
CA LEU A 18 12.37 0.34 5.71
C LEU A 18 13.43 0.84 4.75
N GLY A 19 13.12 1.87 4.00
CA GLY A 19 14.04 2.40 3.04
C GLY A 19 13.99 1.67 1.72
N CYS A 20 12.81 1.16 1.39
CA CYS A 20 12.61 0.43 0.14
C CYS A 20 11.88 1.33 -0.87
N PRO A 21 12.61 1.98 -1.79
CA PRO A 21 12.02 2.91 -2.75
C PRO A 21 11.07 2.24 -3.75
N GLU A 22 11.46 1.09 -4.28
CA GLU A 22 10.64 0.39 -5.25
C GLU A 22 9.43 -0.24 -4.57
N GLU A 23 9.67 -0.84 -3.41
CA GLU A 23 8.61 -1.48 -2.66
C GLU A 23 7.61 -0.42 -2.19
N ARG A 24 8.10 0.77 -1.89
CA ARG A 24 7.26 1.86 -1.47
C ARG A 24 6.25 2.18 -2.57
N ALA A 25 6.74 2.23 -3.80
CA ALA A 25 5.90 2.54 -4.94
C ALA A 25 4.93 1.40 -5.22
N GLN A 26 5.42 0.17 -5.09
CA GLN A 26 4.61 -1.01 -5.32
C GLN A 26 3.45 -1.08 -4.32
N LEU A 27 3.75 -0.77 -3.08
CA LEU A 27 2.75 -0.76 -2.03
C LEU A 27 1.84 0.46 -2.12
N LEU A 28 2.41 1.60 -2.52
CA LEU A 28 1.63 2.83 -2.68
C LEU A 28 0.59 2.69 -3.79
N THR A 29 0.98 2.02 -4.86
CA THR A 29 0.05 1.77 -5.95
C THR A 29 -0.98 0.74 -5.53
N ALA A 30 -0.56 -0.21 -4.70
CA ALA A 30 -1.45 -1.22 -4.16
C ALA A 30 -2.51 -0.58 -3.27
N ALA A 31 -2.10 0.47 -2.54
CA ALA A 31 -3.01 1.24 -1.69
C ALA A 31 -4.14 1.82 -2.52
N GLU A 32 -3.78 2.32 -3.70
CA GLU A 32 -4.75 2.89 -4.63
C GLU A 32 -5.61 1.81 -5.26
N LYS A 33 -4.99 0.69 -5.59
CA LYS A 33 -5.68 -0.43 -6.21
C LYS A 33 -6.84 -0.91 -5.35
N ALA A 34 -6.54 -1.24 -4.10
CA ALA A 34 -7.56 -1.72 -3.18
C ALA A 34 -8.62 -0.66 -2.95
N ASP A 35 -8.20 0.61 -2.93
CA ASP A 35 -9.14 1.72 -2.75
C ASP A 35 -10.07 1.82 -3.94
N GLU A 36 -9.52 1.66 -5.14
CA GLU A 36 -10.30 1.70 -6.37
C GLU A 36 -11.29 0.55 -6.43
N LEU A 37 -10.90 -0.59 -5.88
CA LEU A 37 -11.74 -1.77 -5.87
C LEU A 37 -12.80 -1.69 -4.78
N GLY A 38 -12.61 -0.76 -3.86
CA GLY A 38 -13.55 -0.61 -2.77
C GLY A 38 -13.30 -1.61 -1.66
N SER A 1 -12.54 -2.42 -1.13
CA SER A 1 -12.25 -3.26 0.03
C SER A 1 -11.47 -2.51 1.14
N PRO A 2 -12.16 -2.16 2.24
CA PRO A 2 -11.56 -1.40 3.35
C PRO A 2 -10.42 -2.15 4.04
N GLU A 3 -10.58 -3.45 4.18
CA GLU A 3 -9.59 -4.27 4.85
C GLU A 3 -8.33 -4.36 4.00
N GLU A 4 -8.52 -4.59 2.71
CA GLU A 4 -7.41 -4.65 1.77
C GLU A 4 -6.75 -3.29 1.67
N ARG A 5 -7.56 -2.24 1.71
CA ARG A 5 -7.08 -0.88 1.63
C ARG A 5 -6.17 -0.59 2.80
N ALA A 6 -6.59 -0.98 3.99
CA ALA A 6 -5.80 -0.77 5.19
C ALA A 6 -4.46 -1.49 5.10
N GLN A 7 -4.49 -2.70 4.55
CA GLN A 7 -3.27 -3.51 4.42
C GLN A 7 -2.26 -2.87 3.48
N LEU A 8 -2.73 -2.41 2.32
CA LEU A 8 -1.85 -1.78 1.36
C LEU A 8 -1.37 -0.41 1.81
N LEU A 9 -2.28 0.41 2.33
CA LEU A 9 -1.92 1.75 2.75
C LEU A 9 -0.86 1.73 3.86
N THR A 10 -0.98 0.77 4.77
CA THR A 10 0.00 0.63 5.83
C THR A 10 1.30 0.07 5.25
N ALA A 11 1.18 -0.77 4.22
CA ALA A 11 2.35 -1.34 3.54
C ALA A 11 3.19 -0.24 2.91
N ALA A 12 2.52 0.78 2.37
CA ALA A 12 3.19 1.92 1.78
C ALA A 12 4.02 2.63 2.85
N GLU A 13 3.44 2.75 4.03
CA GLU A 13 4.11 3.37 5.17
C GLU A 13 5.25 2.50 5.67
N LYS A 14 5.05 1.20 5.63
CA LYS A 14 6.07 0.24 6.05
C LYS A 14 7.27 0.31 5.13
N ALA A 15 7.02 0.54 3.84
CA ALA A 15 8.08 0.69 2.88
C ALA A 15 8.87 1.96 3.16
N ASP A 16 8.17 2.99 3.62
CA ASP A 16 8.80 4.24 4.03
C ASP A 16 9.75 3.99 5.17
N GLU A 17 9.30 3.17 6.11
CA GLU A 17 10.07 2.81 7.27
C GLU A 17 11.28 1.97 6.87
N LEU A 18 11.11 1.13 5.86
CA LEU A 18 12.18 0.27 5.39
C LEU A 18 13.13 1.01 4.47
N GLY A 19 12.67 2.14 3.95
CA GLY A 19 13.49 2.95 3.08
C GLY A 19 13.75 2.31 1.73
N CYS A 20 12.80 1.50 1.27
CA CYS A 20 12.94 0.82 -0.01
C CYS A 20 12.03 1.46 -1.07
N PRO A 21 12.62 2.29 -1.96
CA PRO A 21 11.87 3.02 -2.99
C PRO A 21 11.08 2.10 -3.92
N GLU A 22 11.67 1.00 -4.34
CA GLU A 22 11.01 0.09 -5.27
C GLU A 22 9.78 -0.54 -4.65
N GLU A 23 9.91 -1.00 -3.42
CA GLU A 23 8.78 -1.62 -2.74
C GLU A 23 7.73 -0.58 -2.43
N ARG A 24 8.19 0.63 -2.09
CA ARG A 24 7.29 1.71 -1.76
C ARG A 24 6.40 2.05 -2.95
N ALA A 25 6.99 2.12 -4.13
CA ALA A 25 6.25 2.45 -5.34
C ALA A 25 5.18 1.40 -5.64
N GLN A 26 5.56 0.13 -5.51
CA GLN A 26 4.64 -0.97 -5.77
C GLN A 26 3.57 -1.06 -4.69
N LEU A 27 3.96 -0.88 -3.45
CA LEU A 27 3.02 -0.91 -2.33
C LEU A 27 2.07 0.28 -2.39
N LEU A 28 2.56 1.42 -2.87
CA LEU A 28 1.72 2.59 -3.06
C LEU A 28 0.74 2.37 -4.21
N THR A 29 1.18 1.60 -5.20
CA THR A 29 0.32 1.24 -6.31
C THR A 29 -0.80 0.32 -5.81
N ALA A 30 -0.40 -0.63 -4.99
CA ALA A 30 -1.33 -1.56 -4.37
C ALA A 30 -2.29 -0.82 -3.45
N ALA A 31 -1.77 0.17 -2.73
CA ALA A 31 -2.58 1.01 -1.85
C ALA A 31 -3.64 1.76 -2.67
N GLU A 32 -3.21 2.32 -3.80
CA GLU A 32 -4.09 3.07 -4.68
C GLU A 32 -5.11 2.14 -5.31
N LYS A 33 -4.66 0.94 -5.67
CA LYS A 33 -5.50 -0.07 -6.28
C LYS A 33 -6.56 -0.54 -5.29
N ALA A 34 -6.14 -0.72 -4.04
CA ALA A 34 -7.04 -1.15 -2.98
C ALA A 34 -8.12 -0.11 -2.78
N ASP A 35 -7.76 1.15 -2.91
CA ASP A 35 -8.71 2.26 -2.82
C ASP A 35 -9.75 2.11 -3.92
N GLU A 36 -9.29 1.75 -5.11
CA GLU A 36 -10.17 1.58 -6.26
C GLU A 36 -11.05 0.35 -6.11
N LEU A 37 -10.53 -0.68 -5.46
CA LEU A 37 -11.28 -1.93 -5.26
C LEU A 37 -12.32 -1.77 -4.17
N GLY A 38 -12.20 -0.70 -3.39
CA GLY A 38 -13.18 -0.42 -2.35
C GLY A 38 -12.89 -1.11 -1.05
N SER A 1 -12.35 -1.71 -1.70
CA SER A 1 -12.07 -2.97 -1.04
C SER A 1 -11.41 -2.69 0.31
N PRO A 2 -12.18 -2.81 1.42
CA PRO A 2 -11.71 -2.44 2.77
C PRO A 2 -10.52 -3.27 3.26
N GLU A 3 -10.57 -4.58 3.05
CA GLU A 3 -9.49 -5.46 3.53
C GLU A 3 -8.22 -5.20 2.75
N GLU A 4 -8.35 -5.09 1.44
CA GLU A 4 -7.20 -4.86 0.59
C GLU A 4 -6.65 -3.47 0.81
N ARG A 5 -7.53 -2.51 1.08
CA ARG A 5 -7.12 -1.16 1.34
C ARG A 5 -6.25 -1.10 2.59
N ALA A 6 -6.70 -1.75 3.65
CA ALA A 6 -5.97 -1.75 4.89
C ALA A 6 -4.63 -2.45 4.75
N GLN A 7 -4.63 -3.57 4.05
CA GLN A 7 -3.42 -4.35 3.87
C GLN A 7 -2.42 -3.63 2.96
N LEU A 8 -2.91 -3.09 1.85
CA LEU A 8 -2.05 -2.40 0.91
C LEU A 8 -1.53 -1.06 1.44
N LEU A 9 -2.40 -0.30 2.12
CA LEU A 9 -1.99 0.97 2.70
C LEU A 9 -0.92 0.78 3.76
N THR A 10 -1.10 -0.23 4.60
CA THR A 10 -0.14 -0.50 5.65
C THR A 10 1.17 -1.02 5.09
N ALA A 11 1.08 -1.81 4.01
CA ALA A 11 2.25 -2.34 3.35
C ALA A 11 3.11 -1.20 2.80
N ALA A 12 2.43 -0.18 2.27
CA ALA A 12 3.12 1.00 1.75
C ALA A 12 3.88 1.68 2.88
N GLU A 13 3.23 1.78 4.03
CA GLU A 13 3.82 2.39 5.22
C GLU A 13 4.96 1.53 5.77
N LYS A 14 4.76 0.22 5.76
CA LYS A 14 5.76 -0.72 6.28
C LYS A 14 6.99 -0.75 5.39
N ALA A 15 6.80 -0.65 4.08
CA ALA A 15 7.93 -0.60 3.15
C ALA A 15 8.76 0.66 3.41
N ASP A 16 8.08 1.73 3.79
CA ASP A 16 8.74 2.98 4.16
C ASP A 16 9.58 2.75 5.40
N GLU A 17 8.98 2.05 6.36
CA GLU A 17 9.63 1.71 7.62
C GLU A 17 10.81 0.76 7.40
N LEU A 18 10.74 -0.05 6.34
CA LEU A 18 11.81 -0.97 6.02
C LEU A 18 12.91 -0.28 5.23
N GLY A 19 12.63 0.93 4.77
CA GLY A 19 13.60 1.68 4.02
C GLY A 19 13.73 1.19 2.59
N CYS A 20 12.63 0.71 2.04
CA CYS A 20 12.61 0.21 0.67
C CYS A 20 11.70 1.08 -0.20
N PRO A 21 12.25 2.14 -0.81
CA PRO A 21 11.47 3.08 -1.65
C PRO A 21 10.90 2.41 -2.90
N GLU A 22 11.68 1.51 -3.50
CA GLU A 22 11.25 0.82 -4.70
C GLU A 22 10.04 -0.05 -4.43
N GLU A 23 10.07 -0.77 -3.32
CA GLU A 23 8.95 -1.60 -2.93
C GLU A 23 7.79 -0.75 -2.43
N ARG A 24 8.13 0.35 -1.76
CA ARG A 24 7.13 1.25 -1.22
C ARG A 24 6.25 1.80 -2.33
N ALA A 25 6.87 2.19 -3.43
CA ALA A 25 6.13 2.73 -4.57
C ALA A 25 5.19 1.68 -5.15
N GLN A 26 5.65 0.44 -5.19
CA GLN A 26 4.87 -0.66 -5.72
C GLN A 26 3.64 -0.89 -4.84
N LEU A 27 3.84 -0.79 -3.53
CA LEU A 27 2.77 -0.96 -2.58
C LEU A 27 1.86 0.27 -2.56
N LEU A 28 2.46 1.44 -2.77
CA LEU A 28 1.73 2.71 -2.77
C LEU A 28 0.74 2.79 -3.92
N THR A 29 1.15 2.36 -5.11
CA THR A 29 0.27 2.37 -6.26
C THR A 29 -0.90 1.42 -6.02
N ALA A 30 -0.61 0.31 -5.35
CA ALA A 30 -1.62 -0.67 -4.98
C ALA A 30 -2.55 -0.10 -3.92
N ALA A 31 -1.96 0.62 -2.97
CA ALA A 31 -2.71 1.27 -1.89
C ALA A 31 -3.71 2.27 -2.45
N GLU A 32 -3.26 3.05 -3.42
CA GLU A 32 -4.08 4.08 -4.04
C GLU A 32 -5.24 3.45 -4.82
N LYS A 33 -4.96 2.35 -5.50
CA LYS A 33 -5.96 1.67 -6.30
C LYS A 33 -6.96 0.94 -5.40
N ALA A 34 -6.47 0.42 -4.29
CA ALA A 34 -7.32 -0.30 -3.35
C ALA A 34 -8.35 0.63 -2.73
N ASP A 35 -7.93 1.86 -2.46
CA ASP A 35 -8.81 2.86 -1.86
C ASP A 35 -9.97 3.18 -2.81
N GLU A 36 -9.65 3.42 -4.07
CA GLU A 36 -10.68 3.73 -5.06
C GLU A 36 -11.51 2.49 -5.40
N LEU A 37 -10.93 1.32 -5.14
CA LEU A 37 -11.57 0.05 -5.46
C LEU A 37 -12.68 -0.27 -4.46
N GLY A 38 -12.67 0.43 -3.34
CA GLY A 38 -13.69 0.20 -2.33
C GLY A 38 -13.54 -1.14 -1.64
N SER A 1 -12.38 -1.34 -1.97
CA SER A 1 -12.30 -2.50 -1.09
C SER A 1 -11.44 -2.20 0.15
N PRO A 2 -12.09 -1.88 1.28
CA PRO A 2 -11.38 -1.57 2.55
C PRO A 2 -10.49 -2.72 3.02
N GLU A 3 -10.91 -3.96 2.77
CA GLU A 3 -10.12 -5.12 3.17
C GLU A 3 -8.79 -5.16 2.44
N GLU A 4 -8.83 -4.91 1.14
CA GLU A 4 -7.61 -4.87 0.34
C GLU A 4 -6.80 -3.64 0.68
N ARG A 5 -7.52 -2.54 0.94
CA ARG A 5 -6.90 -1.28 1.29
C ARG A 5 -6.10 -1.40 2.56
N ALA A 6 -6.68 -2.01 3.58
CA ALA A 6 -6.00 -2.19 4.85
C ALA A 6 -4.72 -3.02 4.68
N GLN A 7 -4.82 -4.07 3.88
CA GLN A 7 -3.69 -4.96 3.65
C GLN A 7 -2.58 -4.25 2.87
N LEU A 8 -2.96 -3.55 1.81
CA LEU A 8 -2.01 -2.84 0.96
C LEU A 8 -1.43 -1.60 1.65
N LEU A 9 -2.27 -0.86 2.36
CA LEU A 9 -1.86 0.36 3.00
C LEU A 9 -0.86 0.09 4.13
N THR A 10 -1.11 -0.95 4.91
CA THR A 10 -0.20 -1.31 5.99
C THR A 10 1.15 -1.72 5.42
N ALA A 11 1.12 -2.43 4.30
CA ALA A 11 2.33 -2.85 3.62
C ALA A 11 3.11 -1.63 3.12
N ALA A 12 2.37 -0.63 2.64
CA ALA A 12 2.97 0.63 2.18
C ALA A 12 3.66 1.31 3.34
N GLU A 13 3.01 1.30 4.50
CA GLU A 13 3.56 1.88 5.70
C GLU A 13 4.80 1.11 6.15
N LYS A 14 4.72 -0.21 6.07
CA LYS A 14 5.82 -1.08 6.45
C LYS A 14 7.02 -0.84 5.56
N ALA A 15 6.77 -0.75 4.27
CA ALA A 15 7.83 -0.51 3.30
C ALA A 15 8.43 0.87 3.49
N ASP A 16 7.58 1.87 3.70
CA ASP A 16 8.05 3.26 3.87
C ASP A 16 8.98 3.37 5.04
N GLU A 17 8.62 2.71 6.12
CA GLU A 17 9.40 2.72 7.34
C GLU A 17 10.79 2.12 7.12
N LEU A 18 10.86 1.11 6.27
CA LEU A 18 12.12 0.42 6.01
C LEU A 18 12.85 1.02 4.81
N GLY A 19 12.14 1.77 4.01
CA GLY A 19 12.71 2.35 2.82
C GLY A 19 12.23 1.65 1.58
N CYS A 20 13.06 0.74 1.05
CA CYS A 20 12.74 -0.07 -0.13
C CYS A 20 12.06 0.75 -1.22
N PRO A 21 12.83 1.53 -2.00
CA PRO A 21 12.28 2.46 -2.99
C PRO A 21 11.30 1.82 -3.98
N GLU A 22 11.64 0.64 -4.48
CA GLU A 22 10.80 -0.04 -5.45
C GLU A 22 9.56 -0.65 -4.79
N GLU A 23 9.77 -1.27 -3.64
CA GLU A 23 8.69 -1.93 -2.91
C GLU A 23 7.72 -0.90 -2.36
N ARG A 24 8.25 0.16 -1.79
CA ARG A 24 7.46 1.21 -1.20
C ARG A 24 6.57 1.87 -2.25
N ALA A 25 7.16 2.15 -3.40
CA ALA A 25 6.43 2.81 -4.49
C ALA A 25 5.24 1.98 -4.95
N GLN A 26 5.44 0.68 -5.07
CA GLN A 26 4.39 -0.20 -5.52
C GLN A 26 3.32 -0.39 -4.44
N LEU A 27 3.76 -0.49 -3.21
CA LEU A 27 2.84 -0.67 -2.09
C LEU A 27 2.04 0.60 -1.82
N LEU A 28 2.69 1.75 -1.94
CA LEU A 28 2.01 3.03 -1.74
C LEU A 28 0.97 3.28 -2.82
N THR A 29 1.29 2.93 -4.05
CA THR A 29 0.34 3.07 -5.13
C THR A 29 -0.78 2.04 -4.98
N ALA A 30 -0.42 0.88 -4.46
CA ALA A 30 -1.38 -0.18 -4.18
C ALA A 30 -2.37 0.28 -3.11
N ALA A 31 -1.87 1.05 -2.14
CA ALA A 31 -2.71 1.61 -1.08
C ALA A 31 -3.78 2.51 -1.70
N GLU A 32 -3.38 3.32 -2.67
CA GLU A 32 -4.28 4.22 -3.37
C GLU A 32 -5.21 3.44 -4.29
N LYS A 33 -4.67 2.44 -4.97
CA LYS A 33 -5.45 1.62 -5.89
C LYS A 33 -6.49 0.80 -5.16
N ALA A 34 -6.15 0.32 -3.98
CA ALA A 34 -7.08 -0.46 -3.17
C ALA A 34 -8.27 0.39 -2.78
N ASP A 35 -8.01 1.64 -2.43
CA ASP A 35 -9.06 2.57 -2.08
C ASP A 35 -9.89 2.89 -3.32
N GLU A 36 -9.19 3.01 -4.45
CA GLU A 36 -9.79 3.26 -5.74
C GLU A 36 -10.74 2.11 -6.12
N LEU A 37 -10.40 0.90 -5.70
CA LEU A 37 -11.21 -0.28 -5.99
C LEU A 37 -12.43 -0.33 -5.09
N GLY A 38 -12.41 0.45 -4.03
CA GLY A 38 -13.51 0.48 -3.10
C GLY A 38 -13.54 -0.73 -2.19
N SER A 1 -12.63 -1.09 -1.53
CA SER A 1 -12.57 -2.25 -0.67
C SER A 1 -11.68 -1.98 0.55
N PRO A 2 -12.29 -1.93 1.75
CA PRO A 2 -11.58 -1.62 2.99
C PRO A 2 -10.50 -2.66 3.36
N GLU A 3 -10.81 -3.94 3.16
CA GLU A 3 -9.86 -5.01 3.48
C GLU A 3 -8.63 -4.90 2.60
N GLU A 4 -8.86 -4.67 1.32
CA GLU A 4 -7.79 -4.51 0.36
C GLU A 4 -7.00 -3.25 0.65
N ARG A 5 -7.72 -2.18 0.98
CA ARG A 5 -7.09 -0.91 1.29
C ARG A 5 -6.20 -1.06 2.51
N ALA A 6 -6.71 -1.69 3.55
CA ALA A 6 -5.97 -1.86 4.78
C ALA A 6 -4.72 -2.72 4.59
N GLN A 7 -4.86 -3.82 3.85
CA GLN A 7 -3.74 -4.73 3.64
C GLN A 7 -2.67 -4.12 2.74
N LEU A 8 -3.10 -3.50 1.66
CA LEU A 8 -2.17 -2.88 0.72
C LEU A 8 -1.51 -1.62 1.29
N LEU A 9 -2.27 -0.84 2.05
CA LEU A 9 -1.76 0.37 2.64
C LEU A 9 -0.75 0.07 3.74
N THR A 10 -1.04 -0.92 4.57
CA THR A 10 -0.13 -1.29 5.64
C THR A 10 1.17 -1.84 5.08
N ALA A 11 1.07 -2.53 3.94
CA ALA A 11 2.26 -3.03 3.25
C ALA A 11 3.13 -1.86 2.80
N ALA A 12 2.48 -0.84 2.28
CA ALA A 12 3.15 0.39 1.84
C ALA A 12 3.84 1.06 3.01
N GLU A 13 3.13 1.14 4.12
CA GLU A 13 3.62 1.76 5.34
C GLU A 13 4.79 0.96 5.93
N LYS A 14 4.68 -0.36 5.91
CA LYS A 14 5.72 -1.23 6.45
C LYS A 14 7.00 -1.11 5.65
N ALA A 15 6.88 -1.11 4.33
CA ALA A 15 8.03 -1.00 3.45
C ALA A 15 8.68 0.36 3.60
N ASP A 16 7.85 1.40 3.63
CA ASP A 16 8.33 2.78 3.76
C ASP A 16 9.12 2.97 5.05
N GLU A 17 8.66 2.31 6.09
CA GLU A 17 9.31 2.33 7.38
C GLU A 17 10.74 1.77 7.30
N LEU A 18 10.90 0.78 6.43
CA LEU A 18 12.20 0.15 6.24
C LEU A 18 12.94 0.81 5.07
N GLY A 19 12.29 1.79 4.48
CA GLY A 19 12.84 2.48 3.35
C GLY A 19 12.33 1.87 2.07
N CYS A 20 13.17 1.04 1.44
CA CYS A 20 12.83 0.32 0.20
C CYS A 20 12.01 1.20 -0.74
N PRO A 21 12.64 2.21 -1.34
CA PRO A 21 11.93 3.20 -2.18
C PRO A 21 11.14 2.56 -3.33
N GLU A 22 11.73 1.59 -4.00
CA GLU A 22 11.06 0.96 -5.13
C GLU A 22 9.92 0.06 -4.66
N GLU A 23 10.13 -0.63 -3.55
CA GLU A 23 9.12 -1.52 -3.02
C GLU A 23 7.97 -0.73 -2.42
N ARG A 24 8.30 0.32 -1.68
CA ARG A 24 7.30 1.15 -1.06
C ARG A 24 6.47 1.85 -2.12
N ALA A 25 7.11 2.25 -3.22
CA ALA A 25 6.43 2.94 -4.31
C ALA A 25 5.35 2.07 -4.92
N GLN A 26 5.67 0.80 -5.15
CA GLN A 26 4.72 -0.13 -5.74
C GLN A 26 3.61 -0.47 -4.74
N LEU A 27 3.98 -0.62 -3.49
CA LEU A 27 3.03 -0.90 -2.44
C LEU A 27 2.11 0.30 -2.20
N LEU A 28 2.68 1.49 -2.25
CA LEU A 28 1.91 2.72 -2.07
C LEU A 28 0.92 2.88 -3.20
N THR A 29 1.31 2.49 -4.41
CA THR A 29 0.40 2.53 -5.54
C THR A 29 -0.76 1.57 -5.29
N ALA A 30 -0.44 0.39 -4.76
CA ALA A 30 -1.45 -0.60 -4.44
C ALA A 30 -2.40 -0.07 -3.37
N ALA A 31 -1.86 0.71 -2.44
CA ALA A 31 -2.65 1.35 -1.39
C ALA A 31 -3.69 2.28 -2.03
N GLU A 32 -3.25 3.03 -3.04
CA GLU A 32 -4.11 3.95 -3.75
C GLU A 32 -5.13 3.19 -4.61
N LYS A 33 -4.67 2.12 -5.24
CA LYS A 33 -5.52 1.29 -6.10
C LYS A 33 -6.62 0.62 -5.30
N ALA A 34 -6.27 0.13 -4.13
CA ALA A 34 -7.21 -0.53 -3.24
C ALA A 34 -8.31 0.43 -2.83
N ASP A 35 -7.95 1.68 -2.67
CA ASP A 35 -8.90 2.71 -2.29
C ASP A 35 -9.88 2.96 -3.42
N GLU A 36 -9.38 2.93 -4.65
CA GLU A 36 -10.22 3.12 -5.83
C GLU A 36 -11.21 1.98 -5.98
N LEU A 37 -10.84 0.82 -5.45
CA LEU A 37 -11.71 -0.34 -5.48
C LEU A 37 -12.80 -0.21 -4.42
N GLY A 38 -12.59 0.72 -3.49
CA GLY A 38 -13.55 0.94 -2.43
C GLY A 38 -13.60 -0.20 -1.44
#